data_9UK7
#
_entry.id   9UK7
#
_cell.length_a   231.077
_cell.length_b   39.031
_cell.length_c   114.962
_cell.angle_alpha   90.00
_cell.angle_beta   118.89
_cell.angle_gamma   90.00
#
_symmetry.space_group_name_H-M   'C 1 2 1'
#
loop_
_entity.id
_entity.type
_entity.pdbx_description
1 polymer 'WD repeat-containing protein 5'
2 polymer ACE-MET-ARG-THR-GLU-PRO-NH2
3 water water
#
loop_
_entity_poly.entity_id
_entity_poly.type
_entity_poly.pdbx_seq_one_letter_code
_entity_poly.pdbx_strand_id
1 'polypeptide(L)'
;SATQSKPTPVKPNYALKFTLAGHTKAVSSVKFSPNGEWLASSSADKLIKIWGAYDGKFEKTISGHKLGISDVAWSSDSNL
LVSASDDKTLKIWDVSSGKCLKTLKGHSNYVFCCNFNPQSNLIVSGSFDESVRIWDVKTGKCLKTLPAHSDPVSAVHFNR
DGSLIVSSSYDGLCRIWDTASGQCLKTLIDDDNPPVSFVKFSPNGKYILAATLDNTLKLWDYSKGKCLKTYTGHKNEKYC
IFANFSVTGGKWIVSGSEDNLVYIWNLQTKEIVQKLQGHTDVVISTACHPTENIIASAALENDKTIKLWKSDC
;
A,B,C
2 'polypeptide(L)' (ACE)MRTEP(NH2) D,E,F
#
# COMPACT_ATOMS: atom_id res chain seq x y z
N VAL A 10 23.49 -3.31 21.70
CA VAL A 10 22.31 -4.16 21.77
C VAL A 10 22.38 -5.20 20.65
N LYS A 11 21.95 -6.43 20.96
CA LYS A 11 21.94 -7.53 20.02
C LYS A 11 20.51 -8.08 19.89
N PRO A 12 20.09 -8.48 18.70
CA PRO A 12 18.78 -9.13 18.61
C PRO A 12 18.83 -10.49 19.28
N ASN A 13 17.65 -11.02 19.60
CA ASN A 13 17.53 -12.36 20.19
C ASN A 13 16.55 -13.21 19.37
N TYR A 14 16.71 -13.17 18.04
CA TYR A 14 15.90 -14.00 17.15
C TYR A 14 15.95 -15.47 17.55
N ALA A 15 14.78 -16.07 17.64
CA ALA A 15 14.58 -17.45 18.04
C ALA A 15 13.58 -18.12 17.10
N LEU A 16 13.81 -19.38 16.78
CA LEU A 16 12.94 -20.09 15.86
C LEU A 16 11.54 -20.23 16.44
N LYS A 17 10.55 -19.78 15.67
CA LYS A 17 9.13 -19.92 16.02
C LYS A 17 8.40 -20.93 15.15
N PHE A 18 8.66 -20.96 13.84
CA PHE A 18 7.97 -21.89 12.98
C PHE A 18 8.88 -22.35 11.85
N THR A 19 8.71 -23.61 11.47
CA THR A 19 9.22 -24.12 10.21
C THR A 19 8.03 -24.39 9.31
N LEU A 20 8.15 -24.00 8.04
CA LEU A 20 7.08 -24.07 7.06
C LEU A 20 7.54 -24.99 5.93
N ALA A 21 6.81 -26.08 5.71
CA ALA A 21 7.19 -27.03 4.67
C ALA A 21 6.04 -27.24 3.69
N GLY A 22 6.40 -27.55 2.44
CA GLY A 22 5.42 -27.78 1.40
C GLY A 22 5.99 -27.77 0.00
N HIS A 23 6.98 -26.89 -0.24
CA HIS A 23 7.66 -26.88 -1.54
C HIS A 23 8.38 -28.21 -1.76
N THR A 24 8.32 -28.74 -2.98
CA THR A 24 8.94 -30.05 -3.21
C THR A 24 10.32 -29.96 -3.82
N LYS A 25 10.78 -28.74 -4.13
CA LYS A 25 12.14 -28.47 -4.56
C LYS A 25 12.64 -27.27 -3.77
N ALA A 26 13.88 -26.86 -4.05
CA ALA A 26 14.50 -25.72 -3.39
C ALA A 26 13.59 -24.49 -3.42
N VAL A 27 13.49 -23.84 -2.28
CA VAL A 27 12.81 -22.54 -2.23
C VAL A 27 13.75 -21.47 -2.78
N SER A 28 13.21 -20.55 -3.58
CA SER A 28 14.07 -19.50 -4.12
C SER A 28 13.94 -18.16 -3.40
N SER A 29 12.76 -17.82 -2.89
CA SER A 29 12.51 -16.44 -2.46
C SER A 29 11.38 -16.44 -1.44
N VAL A 30 11.55 -15.66 -0.37
CA VAL A 30 10.46 -15.38 0.56
C VAL A 30 10.30 -13.88 0.72
N LYS A 31 9.06 -13.42 0.77
CA LYS A 31 8.76 -11.99 0.90
C LYS A 31 7.53 -11.83 1.79
N PHE A 32 7.60 -10.87 2.69
CA PHE A 32 6.46 -10.47 3.51
C PHE A 32 5.61 -9.46 2.76
N SER A 33 4.28 -9.65 2.81
CA SER A 33 3.41 -8.64 2.20
C SER A 33 3.58 -7.32 2.95
N PRO A 34 3.47 -6.18 2.25
CA PRO A 34 3.60 -4.89 2.95
C PRO A 34 2.63 -4.71 4.11
N ASN A 35 1.44 -5.32 4.07
CA ASN A 35 0.51 -5.14 5.19
C ASN A 35 0.80 -6.11 6.33
N GLY A 36 1.86 -6.90 6.21
CA GLY A 36 2.38 -7.74 7.27
C GLY A 36 1.62 -9.02 7.56
N GLU A 37 0.54 -9.32 6.82
CA GLU A 37 -0.29 -10.51 7.07
C GLU A 37 0.24 -11.78 6.44
N TRP A 38 1.05 -11.71 5.40
CA TRP A 38 1.33 -12.88 4.56
C TRP A 38 2.80 -13.00 4.26
N LEU A 39 3.26 -14.22 4.09
CA LEU A 39 4.56 -14.49 3.50
C LEU A 39 4.32 -15.20 2.18
N ALA A 40 4.97 -14.72 1.12
CA ALA A 40 4.96 -15.38 -0.17
C ALA A 40 6.31 -16.08 -0.38
N SER A 41 6.24 -17.32 -0.85
CA SER A 41 7.41 -18.13 -1.12
C SER A 41 7.36 -18.56 -2.58
N SER A 42 8.52 -18.60 -3.23
CA SER A 42 8.62 -19.10 -4.60
C SER A 42 9.62 -20.23 -4.61
N SER A 43 9.51 -21.10 -5.62
CA SER A 43 10.31 -22.31 -5.56
C SER A 43 10.63 -22.83 -6.94
N ALA A 44 11.74 -23.58 -6.99
CA ALA A 44 12.10 -24.33 -8.20
C ALA A 44 11.01 -25.34 -8.58
N ASP A 45 10.09 -25.65 -7.68
CA ASP A 45 9.02 -26.58 -8.01
C ASP A 45 7.89 -25.94 -8.82
N LYS A 46 8.08 -24.72 -9.33
CA LYS A 46 7.16 -23.96 -10.19
C LYS A 46 6.01 -23.32 -9.42
N LEU A 47 6.03 -23.39 -8.09
CA LEU A 47 4.89 -22.97 -7.30
C LEU A 47 5.19 -21.73 -6.47
N ILE A 48 4.15 -20.92 -6.27
CA ILE A 48 4.15 -19.89 -5.25
C ILE A 48 3.25 -20.37 -4.14
N LYS A 49 3.68 -20.18 -2.90
CA LYS A 49 2.87 -20.54 -1.75
C LYS A 49 2.70 -19.32 -0.86
N ILE A 50 1.54 -19.25 -0.20
CA ILE A 50 1.19 -18.18 0.71
C ILE A 50 1.02 -18.78 2.09
N TRP A 51 1.59 -18.10 3.09
CA TRP A 51 1.63 -18.51 4.49
C TRP A 51 1.26 -17.31 5.36
N GLY A 52 0.65 -17.57 6.51
CA GLY A 52 0.44 -16.49 7.47
C GLY A 52 1.79 -16.00 8.00
N ALA A 53 1.96 -14.67 8.05
CA ALA A 53 3.24 -14.10 8.51
C ALA A 53 3.53 -14.38 9.98
N TYR A 54 2.51 -14.48 10.82
CA TYR A 54 2.70 -14.54 12.26
C TYR A 54 2.66 -15.95 12.83
N ASP A 55 2.09 -16.93 12.12
CA ASP A 55 2.18 -18.32 12.55
C ASP A 55 2.67 -19.25 11.47
N GLY A 56 2.96 -18.75 10.28
CA GLY A 56 3.34 -19.62 9.18
C GLY A 56 2.29 -20.59 8.70
N LYS A 57 1.01 -20.39 9.03
CA LYS A 57 -0.02 -21.31 8.55
C LYS A 57 -0.08 -21.30 7.03
N PHE A 58 -0.10 -22.49 6.43
CA PHE A 58 -0.25 -22.59 4.99
C PHE A 58 -1.60 -22.01 4.57
N GLU A 59 -1.59 -21.23 3.48
CA GLU A 59 -2.80 -20.57 3.01
C GLU A 59 -3.23 -21.02 1.62
N LYS A 60 -2.34 -20.97 0.64
CA LYS A 60 -2.70 -21.43 -0.70
C LYS A 60 -1.45 -21.59 -1.54
N THR A 61 -1.58 -22.42 -2.58
CA THR A 61 -0.60 -22.56 -3.64
C THR A 61 -1.08 -21.77 -4.85
N ILE A 62 -0.14 -21.15 -5.56
CA ILE A 62 -0.41 -20.40 -6.77
C ILE A 62 0.48 -20.95 -7.85
N SER A 63 -0.11 -21.33 -8.99
CA SER A 63 0.63 -22.09 -9.99
C SER A 63 0.26 -21.64 -11.39
N GLY A 64 1.11 -22.04 -12.34
CA GLY A 64 0.93 -21.68 -13.73
C GLY A 64 2.24 -21.51 -14.48
N HIS A 65 3.28 -21.05 -13.79
CA HIS A 65 4.60 -21.02 -14.41
C HIS A 65 4.97 -22.42 -14.89
N LYS A 66 5.68 -22.49 -16.01
CA LYS A 66 5.98 -23.78 -16.63
C LYS A 66 7.34 -24.34 -16.21
N LEU A 67 8.22 -23.51 -15.68
CA LEU A 67 9.49 -23.93 -15.12
C LEU A 67 9.66 -23.25 -13.77
N GLY A 68 10.80 -23.50 -13.13
CA GLY A 68 10.99 -23.05 -11.77
C GLY A 68 11.03 -21.53 -11.64
N ILE A 69 10.79 -21.09 -10.41
CA ILE A 69 10.65 -19.68 -10.08
C ILE A 69 11.81 -19.25 -9.19
N SER A 70 12.42 -18.09 -9.51
CA SER A 70 13.58 -17.58 -8.79
C SER A 70 13.27 -16.37 -7.94
N ASP A 71 12.15 -15.69 -8.16
CA ASP A 71 11.84 -14.52 -7.33
C ASP A 71 10.34 -14.30 -7.33
N VAL A 72 9.87 -13.62 -6.28
CA VAL A 72 8.49 -13.18 -6.17
C VAL A 72 8.52 -11.86 -5.40
N ALA A 73 7.58 -10.96 -5.72
CA ALA A 73 7.48 -9.69 -5.02
C ALA A 73 6.03 -9.25 -4.95
N TRP A 74 5.74 -8.43 -3.93
CA TRP A 74 4.40 -7.96 -3.59
C TRP A 74 4.13 -6.56 -4.14
N SER A 75 2.88 -6.32 -4.50
CA SER A 75 2.47 -4.95 -4.75
C SER A 75 2.26 -4.23 -3.42
N SER A 76 2.28 -2.90 -3.49
CA SER A 76 2.20 -2.12 -2.27
C SER A 76 0.89 -2.38 -1.52
N ASP A 77 -0.19 -2.69 -2.24
CA ASP A 77 -1.44 -2.93 -1.54
C ASP A 77 -1.59 -4.37 -1.06
N SER A 78 -0.54 -5.20 -1.18
CA SER A 78 -0.57 -6.62 -0.80
C SER A 78 -1.57 -7.44 -1.60
N ASN A 79 -2.14 -6.88 -2.68
CA ASN A 79 -3.12 -7.60 -3.47
C ASN A 79 -2.49 -8.39 -4.62
N LEU A 80 -1.32 -7.98 -5.09
CA LEU A 80 -0.73 -8.63 -6.25
C LEU A 80 0.66 -9.16 -5.92
N LEU A 81 1.05 -10.15 -6.72
CA LEU A 81 2.37 -10.76 -6.72
C LEU A 81 2.89 -10.80 -8.15
N VAL A 82 4.17 -10.56 -8.32
CA VAL A 82 4.86 -10.83 -9.57
C VAL A 82 5.95 -11.86 -9.29
N SER A 83 6.09 -12.84 -10.20
CA SER A 83 7.08 -13.89 -10.08
C SER A 83 7.95 -13.91 -11.32
N ALA A 84 9.19 -14.35 -11.14
CA ALA A 84 10.21 -14.39 -12.17
C ALA A 84 10.61 -15.85 -12.36
N SER A 85 10.45 -16.37 -13.57
CA SER A 85 10.58 -17.79 -13.79
C SER A 85 11.60 -18.09 -14.88
N ASP A 86 12.20 -19.29 -14.76
CA ASP A 86 12.96 -19.90 -15.85
C ASP A 86 12.13 -20.01 -17.12
N ASP A 87 10.81 -20.01 -17.03
CA ASP A 87 10.05 -20.15 -18.29
C ASP A 87 10.12 -18.90 -19.18
N LYS A 88 10.95 -17.94 -18.73
CA LYS A 88 11.32 -16.71 -19.43
C LYS A 88 10.18 -15.71 -19.36
N THR A 89 9.21 -15.92 -18.48
CA THR A 89 8.10 -14.99 -18.28
C THR A 89 8.12 -14.47 -16.86
N LEU A 90 7.44 -13.35 -16.67
CA LEU A 90 6.95 -12.96 -15.36
C LEU A 90 5.44 -13.12 -15.37
N LYS A 91 4.88 -13.39 -14.20
CA LYS A 91 3.44 -13.49 -14.08
C LYS A 91 2.98 -12.51 -13.01
N ILE A 92 1.91 -11.78 -13.31
CA ILE A 92 1.23 -10.96 -12.32
C ILE A 92 0.05 -11.77 -11.80
N TRP A 93 0.02 -11.95 -10.47
CA TRP A 93 -0.99 -12.77 -9.82
C TRP A 93 -1.89 -11.92 -8.94
N ASP A 94 -3.16 -12.29 -8.91
CA ASP A 94 -4.07 -11.77 -7.90
C ASP A 94 -4.06 -12.76 -6.75
N VAL A 95 -3.46 -12.36 -5.62
CA VAL A 95 -3.25 -13.28 -4.51
C VAL A 95 -4.57 -13.86 -4.03
N SER A 96 -5.61 -13.03 -3.89
CA SER A 96 -6.85 -13.50 -3.28
C SER A 96 -7.54 -14.55 -4.14
N SER A 97 -7.49 -14.40 -5.46
CA SER A 97 -8.09 -15.42 -6.32
C SER A 97 -7.08 -16.44 -6.82
N GLY A 98 -5.78 -16.13 -6.73
CA GLY A 98 -4.77 -17.02 -7.28
C GLY A 98 -4.65 -17.03 -8.77
N LYS A 99 -5.46 -16.25 -9.50
CA LYS A 99 -5.40 -16.27 -10.94
C LYS A 99 -4.20 -15.49 -11.45
N CYS A 100 -3.61 -15.98 -12.53
CA CYS A 100 -2.64 -15.20 -13.27
C CYS A 100 -3.34 -14.10 -14.04
N LEU A 101 -3.05 -12.85 -13.67
CA LEU A 101 -3.64 -11.70 -14.34
C LEU A 101 -2.96 -11.39 -15.65
N LYS A 102 -1.62 -11.45 -15.68
CA LYS A 102 -0.87 -11.15 -16.89
C LYS A 102 0.38 -12.02 -16.93
N THR A 103 0.80 -12.36 -18.14
CA THR A 103 2.07 -13.02 -18.37
C THR A 103 2.95 -12.04 -19.13
N LEU A 104 4.10 -11.71 -18.56
CA LEU A 104 4.99 -10.68 -19.07
C LEU A 104 6.07 -11.35 -19.88
N LYS A 105 6.05 -11.12 -21.19
CA LYS A 105 6.98 -11.77 -22.11
C LYS A 105 7.82 -10.73 -22.83
N GLY A 106 9.09 -11.10 -23.09
CA GLY A 106 10.01 -10.23 -23.79
C GLY A 106 11.47 -10.57 -23.54
N HIS A 107 11.78 -11.04 -22.34
CA HIS A 107 13.12 -11.55 -22.05
C HIS A 107 13.38 -12.75 -22.94
N SER A 108 14.65 -12.98 -23.26
CA SER A 108 15.01 -14.09 -24.13
C SER A 108 15.75 -15.19 -23.39
N ASN A 109 15.75 -15.12 -22.07
CA ASN A 109 16.39 -16.13 -21.22
C ASN A 109 15.69 -16.07 -19.87
N TYR A 110 16.09 -16.97 -18.96
CA TYR A 110 15.51 -17.03 -17.61
C TYR A 110 15.31 -15.65 -17.03
N VAL A 111 14.17 -15.46 -16.37
CA VAL A 111 13.94 -14.27 -15.55
C VAL A 111 14.32 -14.63 -14.12
N PHE A 112 15.16 -13.79 -13.50
CA PHE A 112 15.82 -14.13 -12.26
C PHE A 112 15.38 -13.29 -11.07
N CYS A 113 14.84 -12.09 -11.29
CA CYS A 113 14.61 -11.16 -10.20
C CYS A 113 13.52 -10.19 -10.62
N CYS A 114 12.84 -9.63 -9.62
CA CYS A 114 11.68 -8.82 -9.95
C CYS A 114 11.23 -8.01 -8.74
N ASN A 115 10.57 -6.88 -9.01
CA ASN A 115 10.11 -5.99 -7.96
C ASN A 115 9.09 -5.02 -8.54
N PHE A 116 8.09 -4.67 -7.72
CA PHE A 116 7.18 -3.56 -8.03
C PHE A 116 7.86 -2.23 -7.69
N ASN A 117 7.45 -1.16 -8.35
CA ASN A 117 7.83 0.14 -7.80
C ASN A 117 6.92 0.45 -6.63
N PRO A 118 7.26 1.48 -5.82
CA PRO A 118 6.41 1.78 -4.65
C PRO A 118 4.96 2.05 -4.99
N GLN A 119 4.68 2.86 -6.02
CA GLN A 119 3.30 3.00 -6.51
C GLN A 119 2.72 1.69 -7.04
N SER A 120 3.56 0.72 -7.41
CA SER A 120 3.12 -0.59 -7.92
C SER A 120 2.39 -0.50 -9.26
N ASN A 121 2.67 0.55 -10.05
CA ASN A 121 2.20 0.61 -11.43
C ASN A 121 3.22 0.05 -12.40
N LEU A 122 4.45 -0.19 -11.97
CA LEU A 122 5.49 -0.77 -12.81
C LEU A 122 6.13 -1.95 -12.10
N ILE A 123 6.66 -2.87 -12.90
CA ILE A 123 7.49 -3.96 -12.42
C ILE A 123 8.82 -3.84 -13.12
N VAL A 124 9.92 -4.03 -12.36
CA VAL A 124 11.25 -4.18 -12.96
C VAL A 124 11.64 -5.66 -12.93
N SER A 125 12.35 -6.11 -13.95
CA SER A 125 12.83 -7.49 -13.98
C SER A 125 14.27 -7.54 -14.48
N GLY A 126 15.00 -8.55 -14.04
CA GLY A 126 16.32 -8.83 -14.57
C GLY A 126 16.41 -10.28 -14.99
N SER A 127 17.21 -10.52 -16.02
CA SER A 127 17.18 -11.80 -16.71
C SER A 127 18.60 -12.26 -17.06
N PHE A 128 18.72 -13.58 -17.25
CA PHE A 128 19.91 -14.17 -17.85
C PHE A 128 20.25 -13.55 -19.19
N ASP A 129 19.28 -12.94 -19.87
CA ASP A 129 19.57 -12.30 -21.14
C ASP A 129 20.33 -10.98 -21.01
N GLU A 130 20.71 -10.57 -19.78
CA GLU A 130 21.60 -9.42 -19.49
C GLU A 130 20.87 -8.09 -19.58
N SER A 131 19.54 -8.11 -19.64
CA SER A 131 18.76 -6.90 -19.75
C SER A 131 17.91 -6.70 -18.50
N VAL A 132 17.49 -5.46 -18.31
CA VAL A 132 16.50 -5.11 -17.31
C VAL A 132 15.25 -4.67 -18.07
N ARG A 133 14.10 -5.18 -17.67
CA ARG A 133 12.86 -4.76 -18.31
C ARG A 133 11.93 -4.11 -17.30
N ILE A 134 11.18 -3.12 -17.79
CA ILE A 134 10.24 -2.32 -17.01
C ILE A 134 8.87 -2.54 -17.62
N TRP A 135 7.92 -2.98 -16.80
CA TRP A 135 6.65 -3.49 -17.28
C TRP A 135 5.48 -2.70 -16.70
N ASP A 136 4.47 -2.47 -17.51
CA ASP A 136 3.25 -1.84 -17.06
C ASP A 136 2.35 -2.89 -16.41
N VAL A 137 1.99 -2.69 -15.16
CA VAL A 137 1.27 -3.71 -14.40
C VAL A 137 -0.13 -3.90 -14.95
N LYS A 138 -0.82 -2.80 -15.26
CA LYS A 138 -2.18 -2.88 -15.80
C LYS A 138 -2.21 -3.67 -17.11
N THR A 139 -1.38 -3.28 -18.08
CA THR A 139 -1.47 -3.84 -19.41
C THR A 139 -0.58 -5.08 -19.60
N GLY A 140 0.41 -5.28 -18.73
CA GLY A 140 1.31 -6.41 -18.85
C GLY A 140 2.30 -6.27 -19.97
N LYS A 141 2.53 -5.06 -20.44
CA LYS A 141 3.30 -4.82 -21.65
C LYS A 141 4.69 -4.38 -21.21
N CYS A 142 5.69 -4.72 -22.01
CA CYS A 142 7.02 -4.20 -21.71
C CYS A 142 7.09 -2.72 -22.05
N LEU A 143 7.23 -1.86 -21.04
CA LEU A 143 7.42 -0.45 -21.32
C LEU A 143 8.79 -0.17 -21.91
N LYS A 144 9.86 -0.61 -21.23
CA LYS A 144 11.21 -0.32 -21.68
C LYS A 144 12.13 -1.50 -21.37
N THR A 145 13.17 -1.60 -22.18
CA THR A 145 14.23 -2.58 -21.97
C THR A 145 15.52 -1.80 -21.78
N LEU A 146 16.23 -2.11 -20.71
CA LEU A 146 17.55 -1.54 -20.48
C LEU A 146 18.61 -2.58 -20.85
N PRO A 147 19.49 -2.29 -21.82
CA PRO A 147 20.62 -3.17 -22.10
C PRO A 147 21.62 -3.09 -20.95
N ALA A 148 21.20 -3.62 -19.81
CA ALA A 148 21.73 -3.13 -18.54
C ALA A 148 23.14 -3.61 -18.27
N HIS A 149 23.48 -4.80 -18.74
CA HIS A 149 24.68 -5.47 -18.27
C HIS A 149 25.25 -6.35 -19.38
N SER A 150 26.43 -6.93 -19.11
CA SER A 150 27.07 -7.84 -20.03
C SER A 150 27.12 -9.26 -19.47
N ASP A 151 26.30 -9.52 -18.46
CA ASP A 151 26.16 -10.85 -17.87
C ASP A 151 24.79 -10.91 -17.20
N PRO A 152 24.35 -12.12 -16.79
CA PRO A 152 23.04 -12.23 -16.13
C PRO A 152 22.84 -11.16 -15.07
N VAL A 153 21.60 -10.70 -14.95
CA VAL A 153 21.21 -9.65 -14.00
C VAL A 153 20.74 -10.31 -12.71
N SER A 154 21.46 -10.10 -11.61
CA SER A 154 21.21 -10.87 -10.40
C SER A 154 20.13 -10.26 -9.52
N ALA A 155 19.88 -8.96 -9.63
CA ALA A 155 18.88 -8.27 -8.83
C ALA A 155 18.49 -6.97 -9.50
N VAL A 156 17.28 -6.51 -9.20
CA VAL A 156 16.77 -5.21 -9.62
C VAL A 156 15.87 -4.66 -8.52
N HIS A 157 16.00 -3.36 -8.22
CA HIS A 157 15.28 -2.78 -7.10
C HIS A 157 14.99 -1.30 -7.37
N PHE A 158 13.75 -0.89 -7.09
CA PHE A 158 13.36 0.51 -7.18
C PHE A 158 13.71 1.24 -5.89
N ASN A 159 13.99 2.54 -6.02
CA ASN A 159 14.22 3.35 -4.84
C ASN A 159 12.87 3.79 -4.26
N ARG A 160 12.91 4.59 -3.19
CA ARG A 160 11.73 4.80 -2.37
C ARG A 160 10.58 5.44 -3.14
N ASP A 161 10.85 6.20 -4.21
CA ASP A 161 9.79 6.82 -4.99
C ASP A 161 9.69 6.31 -6.43
N GLY A 162 10.47 5.27 -6.79
CA GLY A 162 10.41 4.63 -8.10
C GLY A 162 11.14 5.35 -9.20
N SER A 163 11.71 6.52 -8.94
CA SER A 163 12.40 7.28 -9.98
C SER A 163 13.74 6.65 -10.36
N LEU A 164 14.25 5.72 -9.55
CA LEU A 164 15.51 5.06 -9.82
C LEU A 164 15.38 3.55 -9.72
N ILE A 165 16.20 2.86 -10.50
CA ILE A 165 16.33 1.42 -10.46
C ILE A 165 17.80 1.11 -10.25
N VAL A 166 18.10 0.19 -9.34
CA VAL A 166 19.46 -0.32 -9.20
C VAL A 166 19.47 -1.77 -9.66
N SER A 167 20.44 -2.11 -10.49
CA SER A 167 20.62 -3.49 -10.90
C SER A 167 22.02 -3.94 -10.56
N SER A 168 22.18 -5.24 -10.46
CA SER A 168 23.45 -5.87 -10.15
C SER A 168 23.63 -7.02 -11.14
N SER A 169 24.88 -7.43 -11.35
CA SER A 169 25.11 -8.43 -12.38
C SER A 169 26.41 -9.16 -12.11
N TYR A 170 26.46 -10.38 -12.66
CA TYR A 170 27.68 -11.17 -12.67
C TYR A 170 28.83 -10.48 -13.40
N ASP A 171 28.53 -9.50 -14.27
CA ASP A 171 29.61 -8.70 -14.85
C ASP A 171 30.34 -7.83 -13.81
N GLY A 172 29.94 -7.90 -12.55
CA GLY A 172 30.65 -7.20 -11.50
C GLY A 172 30.18 -5.79 -11.24
N LEU A 173 29.12 -5.33 -11.91
CA LEU A 173 28.68 -3.96 -11.83
C LEU A 173 27.38 -3.83 -11.05
N CYS A 174 27.22 -2.69 -10.38
CA CYS A 174 25.91 -2.19 -9.99
C CYS A 174 25.62 -0.96 -10.84
N ARG A 175 24.43 -0.87 -11.42
CA ARG A 175 24.09 0.29 -12.21
C ARG A 175 22.83 0.92 -11.64
N ILE A 176 22.82 2.25 -11.54
CA ILE A 176 21.65 3.00 -11.13
C ILE A 176 21.04 3.62 -12.38
N TRP A 177 19.75 3.34 -12.60
CA TRP A 177 19.02 3.80 -13.77
C TRP A 177 17.95 4.81 -13.39
N ASP A 178 17.83 5.86 -14.19
CA ASP A 178 16.66 6.72 -14.11
C ASP A 178 15.50 5.96 -14.75
N THR A 179 14.47 5.66 -13.96
CA THR A 179 13.42 4.74 -14.42
C THR A 179 12.78 5.22 -15.71
N ALA A 180 12.48 6.51 -15.79
CA ALA A 180 11.69 7.05 -16.88
C ALA A 180 12.53 7.26 -18.13
N SER A 181 13.74 7.81 -17.96
CA SER A 181 14.57 8.10 -19.12
C SER A 181 15.39 6.90 -19.57
N GLY A 182 15.50 5.86 -18.75
CA GLY A 182 16.36 4.73 -19.06
C GLY A 182 17.83 4.99 -18.94
N GLN A 183 18.23 6.22 -18.59
CA GLN A 183 19.64 6.58 -18.58
C GLN A 183 20.37 5.96 -17.39
N CYS A 184 21.54 5.41 -17.66
CA CYS A 184 22.42 4.94 -16.59
C CYS A 184 23.04 6.13 -15.90
N LEU A 185 22.62 6.40 -14.66
CA LEU A 185 23.10 7.56 -13.92
C LEU A 185 24.44 7.28 -13.25
N LYS A 186 24.72 6.03 -12.94
CA LYS A 186 25.96 5.69 -12.24
C LYS A 186 26.28 4.23 -12.45
N THR A 187 27.55 3.94 -12.56
CA THR A 187 27.98 2.57 -12.57
C THR A 187 28.95 2.43 -11.38
N LEU A 188 28.66 1.49 -10.52
CA LEU A 188 29.46 1.31 -9.32
C LEU A 188 30.21 -0.02 -9.24
N ILE A 189 31.50 0.06 -8.90
CA ILE A 189 32.33 -1.10 -8.76
C ILE A 189 33.50 -0.71 -7.84
N ASP A 190 33.94 -1.67 -7.05
CA ASP A 190 35.07 -1.41 -6.18
C ASP A 190 36.37 -1.60 -6.95
N ASP A 191 37.45 -1.95 -6.26
CA ASP A 191 38.75 -2.18 -6.87
C ASP A 191 38.95 -3.65 -7.27
N ASP A 192 37.90 -4.45 -7.26
CA ASP A 192 37.93 -5.79 -7.82
C ASP A 192 36.64 -5.93 -8.61
N ASN A 193 36.44 -7.07 -9.28
CA ASN A 193 35.22 -7.28 -10.07
C ASN A 193 34.56 -8.63 -9.83
N PRO A 194 34.34 -9.04 -8.57
CA PRO A 194 33.61 -10.29 -8.34
C PRO A 194 32.18 -10.11 -8.81
N PRO A 195 31.53 -11.18 -9.25
CA PRO A 195 30.12 -11.04 -9.62
C PRO A 195 29.34 -10.39 -8.49
N VAL A 196 28.45 -9.50 -8.85
CA VAL A 196 27.53 -8.92 -7.87
C VAL A 196 26.26 -9.73 -7.95
N SER A 197 25.89 -10.34 -6.82
CA SER A 197 24.83 -11.33 -6.77
C SER A 197 23.55 -10.79 -6.14
N PHE A 198 23.60 -9.60 -5.56
CA PHE A 198 22.41 -8.99 -5.00
C PHE A 198 22.68 -7.52 -4.74
N VAL A 199 21.67 -6.69 -4.95
CA VAL A 199 21.75 -5.28 -4.62
C VAL A 199 20.34 -4.80 -4.28
N LYS A 200 20.26 -3.79 -3.43
CA LYS A 200 18.99 -3.16 -3.14
C LYS A 200 19.27 -1.84 -2.43
N PHE A 201 18.40 -0.85 -2.68
CA PHE A 201 18.50 0.45 -2.03
C PHE A 201 18.22 0.33 -0.54
N SER A 202 18.89 1.18 0.26
CA SER A 202 18.52 1.33 1.65
C SER A 202 17.11 1.91 1.72
N PRO A 203 16.42 1.78 2.87
CA PRO A 203 15.09 2.39 2.98
C PRO A 203 15.10 3.88 2.68
N ASN A 204 16.09 4.63 3.15
CA ASN A 204 16.15 6.06 2.87
C ASN A 204 16.57 6.41 1.44
N GLY A 205 16.86 5.40 0.61
CA GLY A 205 17.25 5.62 -0.77
C GLY A 205 18.65 6.14 -0.97
N LYS A 206 19.43 6.29 0.10
CA LYS A 206 20.71 6.96 -0.01
C LYS A 206 21.84 5.98 -0.26
N TYR A 207 21.60 4.70 0.01
CA TYR A 207 22.62 3.68 -0.08
C TYR A 207 22.11 2.51 -0.92
N ILE A 208 23.05 1.73 -1.43
CA ILE A 208 22.74 0.44 -2.02
C ILE A 208 23.54 -0.61 -1.24
N LEU A 209 22.85 -1.67 -0.85
CA LEU A 209 23.47 -2.81 -0.19
C LEU A 209 23.74 -3.83 -1.29
N ALA A 210 25.00 -4.24 -1.44
CA ALA A 210 25.41 -5.10 -2.54
C ALA A 210 26.11 -6.32 -2.00
N ALA A 211 25.73 -7.48 -2.51
CA ALA A 211 26.44 -8.73 -2.25
C ALA A 211 27.30 -9.08 -3.44
N THR A 212 28.54 -9.50 -3.17
CA THR A 212 29.39 -10.02 -4.23
C THR A 212 29.77 -11.45 -3.88
N LEU A 213 30.04 -12.26 -4.90
CA LEU A 213 30.40 -13.65 -4.66
C LEU A 213 31.83 -13.82 -4.18
N ASP A 214 32.26 -12.96 -3.26
CA ASP A 214 33.53 -13.14 -2.57
C ASP A 214 33.31 -13.12 -1.07
N ASN A 215 32.13 -13.55 -0.63
CA ASN A 215 31.78 -13.62 0.78
C ASN A 215 31.71 -12.24 1.43
N THR A 216 31.28 -11.24 0.66
CA THR A 216 31.25 -9.86 1.14
C THR A 216 29.94 -9.18 0.79
N LEU A 217 29.36 -8.50 1.78
CA LEU A 217 28.35 -7.48 1.58
C LEU A 217 28.98 -6.11 1.80
N LYS A 218 28.46 -5.11 1.08
CA LYS A 218 28.96 -3.76 1.24
C LYS A 218 27.81 -2.78 1.17
N LEU A 219 27.96 -1.70 1.92
CA LEU A 219 26.99 -0.63 1.95
C LEU A 219 27.62 0.55 1.22
N TRP A 220 27.01 0.95 0.11
CA TRP A 220 27.53 2.05 -0.68
C TRP A 220 26.65 3.28 -0.53
N ASP A 221 27.28 4.43 -0.34
CA ASP A 221 26.64 5.69 -0.70
C ASP A 221 26.79 5.81 -2.21
N TYR A 222 25.69 5.65 -2.94
CA TYR A 222 25.85 5.60 -4.39
C TYR A 222 26.05 7.01 -4.95
N SER A 223 25.30 7.99 -4.44
CA SER A 223 25.54 9.40 -4.76
C SER A 223 27.03 9.71 -4.78
N LYS A 224 27.70 9.46 -3.65
CA LYS A 224 29.13 9.70 -3.54
C LYS A 224 29.95 8.63 -4.23
N GLY A 225 29.34 7.49 -4.56
CA GLY A 225 30.09 6.39 -5.14
C GLY A 225 31.12 5.77 -4.22
N LYS A 226 30.80 5.64 -2.92
CA LYS A 226 31.77 5.20 -1.93
C LYS A 226 31.19 4.09 -1.08
N CYS A 227 32.03 3.11 -0.76
CA CYS A 227 31.68 2.05 0.16
C CYS A 227 31.83 2.55 1.59
N LEU A 228 30.73 2.61 2.34
CA LEU A 228 30.73 3.10 3.72
C LEU A 228 30.88 1.99 4.75
N LYS A 229 30.42 0.77 4.43
CA LYS A 229 30.49 -0.35 5.38
C LYS A 229 30.76 -1.64 4.60
N THR A 230 31.40 -2.59 5.28
CA THR A 230 31.64 -3.92 4.74
C THR A 230 31.23 -4.95 5.79
N TYR A 231 30.57 -6.01 5.34
CA TYR A 231 30.11 -7.08 6.22
C TYR A 231 30.63 -8.41 5.71
N THR A 232 31.31 -9.15 6.59
CA THR A 232 31.91 -10.43 6.25
C THR A 232 31.67 -11.41 7.38
N GLY A 233 32.19 -12.62 7.22
CA GLY A 233 31.99 -13.70 8.15
C GLY A 233 31.10 -14.81 7.63
N HIS A 234 30.20 -14.49 6.70
CA HIS A 234 29.34 -15.51 6.12
C HIS A 234 30.03 -16.15 4.92
N LYS A 235 29.31 -17.09 4.29
CA LYS A 235 29.80 -17.80 3.11
C LYS A 235 28.89 -17.50 1.93
N ASN A 236 29.43 -16.88 0.88
CA ASN A 236 28.64 -16.54 -0.30
C ASN A 236 29.58 -16.48 -1.51
N GLU A 237 29.68 -17.60 -2.23
CA GLU A 237 30.45 -17.66 -3.47
C GLU A 237 29.70 -18.27 -4.65
N LYS A 238 28.52 -18.84 -4.44
CA LYS A 238 27.87 -19.62 -5.48
C LYS A 238 26.44 -19.20 -5.80
N TYR A 239 25.73 -18.52 -4.90
CA TYR A 239 24.30 -18.28 -5.04
C TYR A 239 23.98 -16.81 -4.83
N CYS A 240 22.96 -16.34 -5.55
CA CYS A 240 22.47 -14.99 -5.40
C CYS A 240 21.55 -14.96 -4.19
N ILE A 241 22.15 -14.68 -3.05
CA ILE A 241 21.47 -14.70 -1.75
C ILE A 241 20.95 -13.32 -1.44
N PHE A 242 19.67 -13.23 -1.11
CA PHE A 242 19.05 -11.97 -0.73
C PHE A 242 19.67 -11.44 0.56
N ALA A 243 19.63 -10.12 0.72
CA ALA A 243 20.07 -9.47 1.94
C ALA A 243 19.10 -8.34 2.28
N ASN A 244 19.00 -8.00 3.56
CA ASN A 244 17.97 -7.08 4.04
C ASN A 244 18.53 -6.04 4.99
N PHE A 245 17.85 -4.89 5.02
CA PHE A 245 17.95 -3.95 6.12
C PHE A 245 16.83 -4.32 7.09
N SER A 246 17.20 -4.78 8.28
CA SER A 246 16.23 -4.93 9.34
C SER A 246 16.06 -3.58 10.03
N VAL A 247 14.85 -3.05 10.03
CA VAL A 247 14.63 -1.68 10.49
C VAL A 247 13.59 -1.58 11.59
N THR A 248 12.83 -2.64 11.88
CA THR A 248 11.71 -2.53 12.80
C THR A 248 12.19 -2.28 14.22
N GLY A 249 13.30 -2.90 14.61
CA GLY A 249 13.90 -2.65 15.89
C GLY A 249 15.32 -2.11 15.76
N GLY A 250 16.32 -2.89 16.18
CA GLY A 250 17.69 -2.49 15.95
C GLY A 250 18.03 -2.52 14.47
N LYS A 251 18.99 -1.68 14.07
CA LYS A 251 19.32 -1.55 12.66
C LYS A 251 20.35 -2.62 12.32
N TRP A 252 19.88 -3.68 11.67
CA TRP A 252 20.71 -4.81 11.30
C TRP A 252 20.79 -4.92 9.78
N ILE A 253 21.79 -5.68 9.36
CA ILE A 253 21.88 -6.25 8.02
C ILE A 253 21.64 -7.75 8.17
N VAL A 254 20.75 -8.30 7.34
CA VAL A 254 20.34 -9.70 7.44
C VAL A 254 20.66 -10.38 6.12
N SER A 255 21.25 -11.57 6.19
CA SER A 255 21.51 -12.33 4.96
C SER A 255 21.59 -13.82 5.28
N GLY A 256 21.16 -14.61 4.31
CA GLY A 256 21.45 -16.03 4.32
C GLY A 256 22.91 -16.25 3.98
N SER A 257 23.29 -17.51 3.97
CA SER A 257 24.67 -17.88 3.85
C SER A 257 24.78 -19.33 3.39
N GLU A 258 25.85 -19.63 2.65
CA GLU A 258 26.06 -20.97 2.14
C GLU A 258 26.58 -21.93 3.20
N ASP A 259 26.83 -21.48 4.43
CA ASP A 259 27.10 -22.40 5.51
C ASP A 259 25.83 -22.76 6.30
N ASN A 260 24.64 -22.53 5.69
CA ASN A 260 23.30 -22.87 6.20
C ASN A 260 22.83 -21.97 7.33
N LEU A 261 23.42 -20.80 7.52
CA LEU A 261 23.06 -19.92 8.62
C LEU A 261 22.41 -18.65 8.11
N VAL A 262 21.59 -18.03 8.97
CA VAL A 262 21.19 -16.64 8.80
C VAL A 262 22.17 -15.78 9.58
N TYR A 263 22.82 -14.84 8.89
CA TYR A 263 23.72 -13.90 9.54
C TYR A 263 23.01 -12.58 9.80
N ILE A 264 23.29 -11.99 10.96
CA ILE A 264 22.79 -10.68 11.31
C ILE A 264 23.96 -9.85 11.75
N TRP A 265 24.20 -8.74 11.07
CA TRP A 265 25.24 -7.78 11.45
C TRP A 265 24.60 -6.52 12.00
N ASN A 266 25.33 -5.89 12.93
CA ASN A 266 25.00 -4.53 13.35
C ASN A 266 25.40 -3.58 12.24
N LEU A 267 24.43 -2.82 11.70
CA LEU A 267 24.72 -2.03 10.50
C LEU A 267 25.85 -1.04 10.74
N GLN A 268 25.84 -0.38 11.90
CA GLN A 268 26.84 0.64 12.20
C GLN A 268 28.20 0.00 12.43
N THR A 269 28.27 -0.96 13.35
CA THR A 269 29.57 -1.45 13.78
C THR A 269 30.15 -2.48 12.84
N LYS A 270 29.31 -3.16 12.05
CA LYS A 270 29.64 -4.28 11.16
C LYS A 270 29.90 -5.58 11.90
N GLU A 271 29.72 -5.63 13.21
CA GLU A 271 29.95 -6.85 13.97
C GLU A 271 28.79 -7.80 13.75
N ILE A 272 29.11 -9.09 13.62
CA ILE A 272 28.06 -10.10 13.61
C ILE A 272 27.42 -10.16 14.98
N VAL A 273 26.10 -10.01 15.04
CA VAL A 273 25.40 -10.00 16.31
C VAL A 273 24.55 -11.25 16.52
N GLN A 274 24.22 -11.99 15.46
CA GLN A 274 23.50 -13.24 15.63
C GLN A 274 23.75 -14.13 14.43
N LYS A 275 23.71 -15.44 14.67
CA LYS A 275 23.73 -16.45 13.62
C LYS A 275 22.64 -17.45 13.94
N LEU A 276 21.66 -17.59 13.04
CA LEU A 276 20.49 -18.43 13.27
C LEU A 276 20.74 -19.79 12.65
N GLN A 277 20.76 -20.81 13.49
CA GLN A 277 21.01 -22.19 13.09
C GLN A 277 19.69 -22.94 13.00
N GLY A 278 19.63 -23.89 12.08
CA GLY A 278 18.44 -24.70 11.94
C GLY A 278 18.31 -25.26 10.56
N HIS A 279 18.57 -24.42 9.56
CA HIS A 279 18.49 -24.84 8.17
C HIS A 279 19.56 -25.91 7.89
N THR A 280 19.24 -26.82 6.99
CA THR A 280 20.15 -27.90 6.62
C THR A 280 20.69 -27.75 5.20
N ASP A 281 20.58 -26.56 4.63
CA ASP A 281 21.14 -26.25 3.32
C ASP A 281 21.30 -24.74 3.22
N VAL A 282 21.84 -24.30 2.08
CA VAL A 282 22.10 -22.89 1.82
C VAL A 282 20.85 -22.07 2.10
N VAL A 283 20.96 -21.07 2.95
CA VAL A 283 19.86 -20.15 3.18
C VAL A 283 19.89 -19.14 2.04
N ILE A 284 19.00 -19.33 1.06
CA ILE A 284 19.06 -18.54 -0.17
C ILE A 284 18.41 -17.17 0.00
N SER A 285 17.51 -17.02 0.96
CA SER A 285 16.63 -15.85 0.98
C SER A 285 16.22 -15.55 2.41
N THR A 286 16.28 -14.28 2.78
CA THR A 286 15.76 -13.80 4.03
C THR A 286 14.84 -12.64 3.74
N ALA A 287 13.86 -12.42 4.62
CA ALA A 287 12.95 -11.30 4.52
C ALA A 287 12.64 -10.79 5.91
N CYS A 288 12.42 -9.48 6.01
CA CYS A 288 12.16 -8.84 7.28
C CYS A 288 10.75 -8.29 7.30
N HIS A 289 10.00 -8.66 8.34
CA HIS A 289 8.61 -8.24 8.44
C HIS A 289 8.52 -6.72 8.52
N PRO A 290 7.49 -6.12 7.91
CA PRO A 290 7.43 -4.65 7.83
C PRO A 290 7.21 -3.95 9.16
N THR A 291 6.61 -4.59 10.17
CA THR A 291 6.39 -3.90 11.45
C THR A 291 6.91 -4.69 12.66
N GLU A 292 6.95 -6.01 12.58
CA GLU A 292 7.40 -6.82 13.71
C GLU A 292 8.85 -7.24 13.49
N ASN A 293 9.55 -7.49 14.60
CA ASN A 293 10.91 -8.02 14.52
C ASN A 293 10.83 -9.51 14.17
N ILE A 294 10.48 -9.77 12.92
CA ILE A 294 10.36 -11.12 12.39
C ILE A 294 11.24 -11.24 11.16
N ILE A 295 11.98 -12.34 11.08
CA ILE A 295 12.75 -12.69 9.89
C ILE A 295 12.22 -14.02 9.35
N ALA A 296 12.01 -14.06 8.05
CA ALA A 296 11.71 -15.29 7.34
C ALA A 296 12.94 -15.68 6.54
N SER A 297 13.28 -16.96 6.54
CA SER A 297 14.44 -17.44 5.80
C SER A 297 14.05 -18.71 5.09
N ALA A 298 14.70 -18.99 3.96
CA ALA A 298 14.39 -20.18 3.19
C ALA A 298 15.66 -20.80 2.63
N ALA A 299 15.60 -22.10 2.36
CA ALA A 299 16.82 -22.85 2.04
C ALA A 299 16.61 -23.71 0.82
N LEU A 300 17.74 -24.16 0.26
CA LEU A 300 17.75 -24.89 -0.98
C LEU A 300 17.37 -26.35 -0.76
N GLU A 301 17.81 -27.22 -1.69
CA GLU A 301 17.10 -28.45 -2.01
C GLU A 301 17.27 -29.58 -0.99
N ASN A 302 18.29 -29.55 -0.14
CA ASN A 302 18.38 -30.48 0.99
C ASN A 302 17.61 -30.01 2.21
N ASP A 303 16.87 -28.91 2.09
CA ASP A 303 16.10 -28.35 3.20
C ASP A 303 14.68 -28.11 2.71
N LYS A 304 14.53 -27.16 1.78
CA LYS A 304 13.25 -26.87 1.14
C LYS A 304 12.22 -26.30 2.10
N THR A 305 12.63 -25.86 3.29
CA THR A 305 11.69 -25.28 4.23
C THR A 305 11.92 -23.80 4.44
N ILE A 306 10.91 -23.17 5.01
CA ILE A 306 10.95 -21.77 5.39
C ILE A 306 10.90 -21.72 6.91
N LYS A 307 11.66 -20.82 7.52
CA LYS A 307 11.64 -20.67 8.96
C LYS A 307 11.30 -19.23 9.32
N LEU A 308 10.47 -19.08 10.36
CA LEU A 308 10.10 -17.78 10.89
C LEU A 308 10.77 -17.57 12.23
N TRP A 309 11.53 -16.50 12.36
CA TRP A 309 12.31 -16.20 13.55
C TRP A 309 11.79 -14.88 14.14
N LYS A 310 11.68 -14.82 15.46
CA LYS A 310 11.12 -13.64 16.11
C LYS A 310 12.11 -13.14 17.17
N SER A 311 12.29 -11.82 17.21
CA SER A 311 13.18 -11.16 18.16
C SER A 311 12.41 -10.14 18.96
N ASP A 312 12.88 -9.90 20.19
CA ASP A 312 12.33 -8.86 21.05
C ASP A 312 12.82 -7.48 20.66
N CYS A 313 13.92 -7.39 19.94
CA CYS A 313 14.46 -6.09 19.57
C CYS A 313 15.05 -6.21 18.18
N LYS B 11 -26.45 -10.06 53.46
CA LYS B 11 -25.98 -10.98 52.44
C LYS B 11 -26.86 -10.83 51.21
N PRO B 12 -26.29 -11.11 50.03
CA PRO B 12 -27.14 -11.04 48.85
C PRO B 12 -28.08 -12.25 48.78
N ASN B 13 -29.12 -12.18 47.98
CA ASN B 13 -30.04 -13.29 47.83
C ASN B 13 -30.24 -13.70 46.39
N TYR B 14 -29.13 -13.86 45.71
CA TYR B 14 -29.17 -14.19 44.30
C TYR B 14 -29.93 -15.49 44.06
N ALA B 15 -30.86 -15.43 43.11
CA ALA B 15 -31.75 -16.54 42.78
C ALA B 15 -31.75 -16.72 41.27
N LEU B 16 -31.82 -17.99 40.83
CA LEU B 16 -31.76 -18.29 39.42
C LEU B 16 -33.02 -17.78 38.73
N LYS B 17 -32.83 -16.97 37.69
CA LYS B 17 -33.91 -16.38 36.92
C LYS B 17 -34.01 -16.93 35.51
N PHE B 18 -32.89 -17.18 34.84
CA PHE B 18 -32.95 -17.69 33.48
C PHE B 18 -31.76 -18.59 33.23
N THR B 19 -31.96 -19.53 32.32
CA THR B 19 -30.91 -20.39 31.82
C THR B 19 -30.89 -20.21 30.31
N LEU B 20 -29.71 -19.96 29.76
CA LEU B 20 -29.57 -19.61 28.34
C LEU B 20 -28.72 -20.68 27.67
N ALA B 21 -29.27 -21.36 26.67
CA ALA B 21 -28.57 -22.40 25.95
C ALA B 21 -28.55 -22.09 24.46
N GLY B 22 -27.53 -22.58 23.76
CA GLY B 22 -27.39 -22.32 22.35
C GLY B 22 -26.01 -22.64 21.83
N HIS B 23 -24.99 -22.41 22.66
CA HIS B 23 -23.63 -22.76 22.29
C HIS B 23 -23.49 -24.28 22.27
N THR B 24 -22.72 -24.80 21.32
CA THR B 24 -22.62 -26.26 21.22
C THR B 24 -21.31 -26.78 21.81
N LYS B 25 -20.51 -25.92 22.39
CA LYS B 25 -19.33 -26.35 23.14
C LYS B 25 -19.27 -25.45 24.35
N ALA B 26 -18.26 -25.67 25.19
CA ALA B 26 -18.11 -24.90 26.41
C ALA B 26 -18.15 -23.40 26.13
N VAL B 27 -18.88 -22.68 27.00
CA VAL B 27 -18.81 -21.22 27.05
C VAL B 27 -17.51 -20.82 27.72
N SER B 28 -16.85 -19.79 27.18
CA SER B 28 -15.59 -19.31 27.72
C SER B 28 -15.72 -18.01 28.49
N SER B 29 -16.60 -17.11 28.07
CA SER B 29 -16.66 -15.76 28.62
C SER B 29 -18.07 -15.22 28.45
N VAL B 30 -18.58 -14.52 29.47
CA VAL B 30 -19.79 -13.74 29.32
C VAL B 30 -19.52 -12.33 29.85
N LYS B 31 -20.11 -11.31 29.21
CA LYS B 31 -19.88 -9.92 29.57
C LYS B 31 -21.13 -9.10 29.35
N PHE B 32 -21.49 -8.26 30.31
CA PHE B 32 -22.63 -7.35 30.12
C PHE B 32 -22.19 -6.13 29.32
N SER B 33 -23.02 -5.72 28.36
CA SER B 33 -22.74 -4.48 27.66
C SER B 33 -22.76 -3.33 28.67
N PRO B 34 -21.97 -2.29 28.47
CA PRO B 34 -21.96 -1.20 29.47
C PRO B 34 -23.31 -0.51 29.62
N ASN B 35 -24.13 -0.50 28.56
CA ASN B 35 -25.44 0.12 28.61
C ASN B 35 -26.50 -0.76 29.27
N GLY B 36 -26.10 -1.92 29.78
CA GLY B 36 -26.97 -2.79 30.52
C GLY B 36 -27.93 -3.63 29.69
N GLU B 37 -27.98 -3.44 28.37
CA GLU B 37 -29.03 -4.11 27.61
C GLU B 37 -28.70 -5.54 27.19
N TRP B 38 -27.43 -5.89 27.03
CA TRP B 38 -27.06 -7.14 26.39
C TRP B 38 -26.07 -7.93 27.23
N LEU B 39 -26.10 -9.23 27.06
CA LEU B 39 -25.00 -10.09 27.47
C LEU B 39 -24.40 -10.68 26.21
N ALA B 40 -23.08 -10.66 26.13
CA ALA B 40 -22.35 -11.32 25.07
C ALA B 40 -21.69 -12.55 25.67
N SER B 41 -21.73 -13.66 24.95
CA SER B 41 -21.00 -14.85 25.33
C SER B 41 -20.08 -15.26 24.20
N SER B 42 -18.94 -15.83 24.58
CA SER B 42 -18.05 -16.47 23.62
C SER B 42 -17.96 -17.95 23.95
N SER B 43 -17.51 -18.73 22.99
CA SER B 43 -17.51 -20.16 23.22
C SER B 43 -16.42 -20.85 22.40
N ALA B 44 -16.07 -22.04 22.86
CA ALA B 44 -15.21 -22.92 22.05
C ALA B 44 -15.89 -23.40 20.79
N ASP B 45 -17.16 -23.09 20.57
CA ASP B 45 -17.81 -23.44 19.32
C ASP B 45 -17.57 -22.42 18.25
N LYS B 46 -16.59 -21.53 18.45
CA LYS B 46 -16.16 -20.49 17.51
C LYS B 46 -17.15 -19.34 17.39
N LEU B 47 -18.22 -19.34 18.16
CA LEU B 47 -19.30 -18.37 18.01
C LEU B 47 -19.33 -17.37 19.16
N ILE B 48 -19.86 -16.20 18.84
CA ILE B 48 -20.29 -15.20 19.82
C ILE B 48 -21.80 -15.15 19.75
N LYS B 49 -22.46 -15.09 20.90
CA LYS B 49 -23.89 -14.87 20.91
C LYS B 49 -24.24 -13.68 21.80
N ILE B 50 -25.30 -12.98 21.40
CA ILE B 50 -25.82 -11.80 22.09
C ILE B 50 -27.17 -12.17 22.70
N TRP B 51 -27.36 -11.85 23.98
CA TRP B 51 -28.55 -12.19 24.72
C TRP B 51 -29.09 -10.95 25.41
N GLY B 52 -30.40 -10.90 25.57
CA GLY B 52 -30.99 -9.87 26.41
C GLY B 52 -30.51 -9.98 27.85
N ALA B 53 -30.10 -8.85 28.45
CA ALA B 53 -29.54 -8.90 29.79
C ALA B 53 -30.60 -9.16 30.86
N TYR B 54 -31.84 -8.77 30.61
CA TYR B 54 -32.88 -8.82 31.64
C TYR B 54 -33.78 -10.03 31.52
N ASP B 55 -33.78 -10.70 30.37
CA ASP B 55 -34.59 -11.90 30.19
C ASP B 55 -33.84 -13.03 29.52
N GLY B 56 -32.56 -12.85 29.20
CA GLY B 56 -31.84 -13.93 28.55
C GLY B 56 -32.34 -14.25 27.16
N LYS B 57 -33.01 -13.32 26.50
CA LYS B 57 -33.59 -13.59 25.19
C LYS B 57 -32.49 -13.66 24.14
N PHE B 58 -32.48 -14.74 23.36
CA PHE B 58 -31.46 -14.87 22.32
C PHE B 58 -31.66 -13.79 21.25
N GLU B 59 -30.58 -13.08 20.93
CA GLU B 59 -30.63 -11.97 19.98
C GLU B 59 -29.97 -12.33 18.66
N LYS B 60 -28.68 -12.65 18.66
CA LYS B 60 -28.04 -12.98 17.39
C LYS B 60 -26.79 -13.79 17.66
N THR B 61 -26.36 -14.50 16.64
CA THR B 61 -25.05 -15.14 16.61
C THR B 61 -24.13 -14.28 15.75
N ILE B 62 -22.90 -14.13 16.21
CA ILE B 62 -21.84 -13.43 15.49
C ILE B 62 -20.72 -14.42 15.18
N SER B 63 -20.45 -14.64 13.89
CA SER B 63 -19.55 -15.70 13.49
C SER B 63 -18.44 -15.14 12.62
N GLY B 64 -17.33 -15.86 12.60
CA GLY B 64 -16.23 -15.47 11.74
C GLY B 64 -14.90 -16.05 12.20
N HIS B 65 -14.73 -16.29 13.49
CA HIS B 65 -13.46 -16.85 13.92
C HIS B 65 -13.33 -18.29 13.42
N LYS B 66 -12.09 -18.65 13.09
CA LYS B 66 -11.83 -19.96 12.51
C LYS B 66 -11.62 -21.03 13.57
N LEU B 67 -11.39 -20.65 14.83
CA LEU B 67 -11.30 -21.60 15.94
C LEU B 67 -11.99 -20.99 17.16
N GLY B 68 -12.08 -21.79 18.21
CA GLY B 68 -12.73 -21.40 19.45
C GLY B 68 -12.31 -20.05 20.03
N ILE B 69 -13.22 -19.43 20.78
CA ILE B 69 -12.99 -18.11 21.36
C ILE B 69 -12.88 -18.23 22.87
N SER B 70 -11.88 -17.54 23.46
CA SER B 70 -11.64 -17.62 24.89
C SER B 70 -12.12 -16.39 25.66
N ASP B 71 -12.30 -15.27 24.96
CA ASP B 71 -12.69 -14.05 25.64
C ASP B 71 -13.38 -13.12 24.65
N VAL B 72 -14.18 -12.21 25.19
CA VAL B 72 -14.91 -11.22 24.41
C VAL B 72 -15.08 -9.98 25.28
N ALA B 73 -15.01 -8.79 24.69
CA ALA B 73 -15.18 -7.56 25.44
C ALA B 73 -16.01 -6.53 24.67
N TRP B 74 -16.67 -5.64 25.43
CA TRP B 74 -17.54 -4.61 24.87
C TRP B 74 -16.82 -3.26 24.77
N SER B 75 -17.13 -2.50 23.72
CA SER B 75 -16.72 -1.09 23.71
C SER B 75 -17.60 -0.32 24.67
N SER B 76 -17.10 0.84 25.09
CA SER B 76 -17.80 1.56 26.15
C SER B 76 -19.17 2.05 25.67
N ASP B 77 -19.35 2.33 24.38
CA ASP B 77 -20.65 2.74 23.87
C ASP B 77 -21.55 1.55 23.54
N SER B 78 -21.11 0.33 23.84
CA SER B 78 -21.89 -0.88 23.64
C SER B 78 -22.14 -1.18 22.18
N ASN B 79 -21.41 -0.56 21.26
CA ASN B 79 -21.64 -0.80 19.83
C ASN B 79 -20.68 -1.82 19.22
N LEU B 80 -19.47 -1.95 19.76
CA LEU B 80 -18.45 -2.85 19.26
C LEU B 80 -18.16 -3.92 20.29
N LEU B 81 -17.86 -5.13 19.83
CA LEU B 81 -17.23 -6.16 20.63
C LEU B 81 -15.85 -6.47 20.06
N VAL B 82 -14.95 -6.95 20.93
CA VAL B 82 -13.71 -7.59 20.49
C VAL B 82 -13.66 -8.98 21.10
N SER B 83 -13.16 -9.94 20.33
CA SER B 83 -13.08 -11.33 20.73
C SER B 83 -11.66 -11.82 20.55
N ALA B 84 -11.24 -12.74 21.42
CA ALA B 84 -9.90 -13.31 21.39
C ALA B 84 -9.99 -14.80 21.07
N SER B 85 -9.30 -15.25 20.04
CA SER B 85 -9.56 -16.58 19.50
C SER B 85 -8.29 -17.42 19.39
N ASP B 86 -8.46 -18.74 19.57
CA ASP B 86 -7.45 -19.73 19.20
C ASP B 86 -6.94 -19.58 17.77
N ASP B 87 -7.67 -18.88 16.89
CA ASP B 87 -7.14 -18.72 15.55
C ASP B 87 -6.03 -17.69 15.48
N LYS B 88 -5.50 -17.29 16.65
CA LYS B 88 -4.41 -16.33 16.83
C LYS B 88 -4.79 -14.91 16.43
N THR B 89 -6.06 -14.63 16.21
CA THR B 89 -6.48 -13.29 15.87
C THR B 89 -7.40 -12.76 16.95
N LEU B 90 -7.58 -11.44 16.94
CA LEU B 90 -8.72 -10.80 17.56
C LEU B 90 -9.59 -10.23 16.45
N LYS B 91 -10.89 -10.27 16.63
CA LYS B 91 -11.78 -9.60 15.71
C LYS B 91 -12.51 -8.50 16.45
N ILE B 92 -12.65 -7.35 15.80
CA ILE B 92 -13.54 -6.28 16.24
C ILE B 92 -14.85 -6.43 15.48
N TRP B 93 -15.98 -6.42 16.21
CA TRP B 93 -17.28 -6.65 15.62
C TRP B 93 -18.18 -5.44 15.85
N ASP B 94 -19.01 -5.13 14.86
CA ASP B 94 -20.10 -4.17 15.03
C ASP B 94 -21.33 -4.96 15.46
N VAL B 95 -21.74 -4.76 16.72
CA VAL B 95 -22.76 -5.62 17.30
C VAL B 95 -24.06 -5.54 16.51
N SER B 96 -24.45 -4.35 16.07
CA SER B 96 -25.74 -4.20 15.39
C SER B 96 -25.77 -4.95 14.08
N SER B 97 -24.73 -4.81 13.26
CA SER B 97 -24.71 -5.50 11.98
C SER B 97 -24.17 -6.92 12.09
N GLY B 98 -23.41 -7.22 13.14
CA GLY B 98 -22.76 -8.50 13.26
C GLY B 98 -21.52 -8.67 12.41
N LYS B 99 -21.14 -7.66 11.64
CA LYS B 99 -20.02 -7.81 10.72
C LYS B 99 -18.68 -7.65 11.43
N CYS B 100 -17.71 -8.45 10.99
CA CYS B 100 -16.34 -8.28 11.42
C CYS B 100 -15.76 -7.03 10.76
N LEU B 101 -15.49 -5.99 11.58
CA LEU B 101 -14.93 -4.75 11.08
C LEU B 101 -13.43 -4.81 10.85
N LYS B 102 -12.70 -5.47 11.75
CA LYS B 102 -11.25 -5.57 11.67
C LYS B 102 -10.83 -6.91 12.25
N THR B 103 -9.83 -7.52 11.63
CA THR B 103 -9.17 -8.68 12.21
C THR B 103 -7.76 -8.29 12.63
N LEU B 104 -7.45 -8.51 13.90
CA LEU B 104 -6.20 -8.03 14.49
C LEU B 104 -5.21 -9.18 14.52
N LYS B 105 -4.17 -9.08 13.69
CA LYS B 105 -3.16 -10.12 13.55
C LYS B 105 -1.83 -9.63 14.11
N GLY B 106 -1.07 -10.57 14.69
CA GLY B 106 0.20 -10.20 15.29
C GLY B 106 0.65 -11.21 16.33
N HIS B 107 -0.28 -11.71 17.14
CA HIS B 107 0.07 -12.76 18.08
C HIS B 107 0.49 -14.01 17.30
N SER B 108 1.43 -14.75 17.86
CA SER B 108 1.93 -15.96 17.22
C SER B 108 1.40 -17.21 17.90
N ASN B 109 0.37 -17.07 18.72
CA ASN B 109 -0.24 -18.19 19.41
C ASN B 109 -1.65 -17.75 19.77
N TYR B 110 -2.41 -18.66 20.40
CA TYR B 110 -3.77 -18.39 20.86
C TYR B 110 -3.85 -17.02 21.51
N VAL B 111 -4.90 -16.26 21.21
CA VAL B 111 -5.22 -15.06 21.96
C VAL B 111 -6.26 -15.43 22.99
N PHE B 112 -5.94 -15.16 24.24
CA PHE B 112 -6.64 -15.71 25.39
C PHE B 112 -7.56 -14.72 26.08
N CYS B 113 -7.26 -13.43 26.01
CA CYS B 113 -7.97 -12.44 26.80
C CYS B 113 -7.90 -11.09 26.10
N CYS B 114 -8.92 -10.27 26.33
CA CYS B 114 -9.01 -8.99 25.64
C CYS B 114 -9.90 -8.03 26.42
N ASN B 115 -9.75 -6.74 26.11
CA ASN B 115 -10.48 -5.67 26.79
C ASN B 115 -10.26 -4.35 26.05
N PHE B 116 -11.32 -3.54 26.00
CA PHE B 116 -11.20 -2.17 25.54
C PHE B 116 -10.66 -1.30 26.67
N ASN B 117 -10.00 -0.20 26.31
CA ASN B 117 -9.77 0.82 27.32
C ASN B 117 -11.08 1.59 27.50
N PRO B 118 -11.20 2.35 28.59
CA PRO B 118 -12.46 3.09 28.79
C PRO B 118 -12.81 3.98 27.62
N GLN B 119 -11.81 4.62 27.01
CA GLN B 119 -12.08 5.44 25.84
C GLN B 119 -12.51 4.58 24.65
N SER B 120 -12.14 3.31 24.67
CA SER B 120 -12.45 2.32 23.64
C SER B 120 -11.83 2.71 22.30
N ASN B 121 -10.76 3.48 22.35
CA ASN B 121 -9.91 3.70 21.18
C ASN B 121 -8.79 2.67 21.07
N LEU B 122 -8.58 1.89 22.13
CA LEU B 122 -7.55 0.86 22.14
C LEU B 122 -8.16 -0.43 22.66
N ILE B 123 -7.53 -1.53 22.25
CA ILE B 123 -7.80 -2.86 22.77
C ILE B 123 -6.49 -3.45 23.26
N VAL B 124 -6.54 -4.15 24.39
CA VAL B 124 -5.40 -4.86 24.93
C VAL B 124 -5.69 -6.35 24.78
N SER B 125 -4.68 -7.13 24.46
CA SER B 125 -4.83 -8.57 24.30
C SER B 125 -3.66 -9.29 24.97
N GLY B 126 -3.94 -10.52 25.41
CA GLY B 126 -2.90 -11.37 25.93
C GLY B 126 -3.03 -12.73 25.27
N SER B 127 -1.88 -13.39 25.10
CA SER B 127 -1.82 -14.56 24.23
C SER B 127 -0.94 -15.63 24.87
N PHE B 128 -1.06 -16.85 24.36
CA PHE B 128 -0.09 -17.90 24.69
C PHE B 128 1.33 -17.51 24.30
N ASP B 129 1.50 -16.58 23.36
CA ASP B 129 2.85 -16.21 22.94
C ASP B 129 3.56 -15.33 23.96
N GLU B 130 3.01 -15.23 25.17
CA GLU B 130 3.62 -14.58 26.32
C GLU B 130 3.68 -13.06 26.18
N SER B 131 3.04 -12.49 25.17
CA SER B 131 3.07 -11.06 24.95
C SER B 131 1.71 -10.44 25.23
N VAL B 132 1.72 -9.13 25.52
CA VAL B 132 0.54 -8.30 25.59
C VAL B 132 0.62 -7.35 24.40
N ARG B 133 -0.47 -7.24 23.67
CA ARG B 133 -0.49 -6.34 22.53
C ARG B 133 -1.53 -5.27 22.76
N ILE B 134 -1.23 -4.08 22.25
CA ILE B 134 -2.14 -2.95 22.32
C ILE B 134 -2.48 -2.55 20.90
N TRP B 135 -3.77 -2.45 20.62
CA TRP B 135 -4.27 -2.35 19.25
C TRP B 135 -5.07 -1.08 19.07
N ASP B 136 -4.86 -0.44 17.92
CA ASP B 136 -5.67 0.71 17.50
C ASP B 136 -7.01 0.20 16.98
N VAL B 137 -8.12 0.64 17.60
CA VAL B 137 -9.44 0.12 17.23
C VAL B 137 -9.84 0.57 15.84
N LYS B 138 -9.56 1.83 15.49
CA LYS B 138 -10.02 2.33 14.21
C LYS B 138 -9.32 1.62 13.05
N THR B 139 -8.01 1.41 13.15
CA THR B 139 -7.21 0.84 12.07
C THR B 139 -7.04 -0.67 12.16
N GLY B 140 -7.27 -1.26 13.34
CA GLY B 140 -7.05 -2.67 13.54
C GLY B 140 -5.59 -3.09 13.50
N LYS B 141 -4.67 -2.14 13.68
CA LYS B 141 -3.24 -2.44 13.66
C LYS B 141 -2.70 -2.52 15.08
N CYS B 142 -1.65 -3.30 15.24
CA CYS B 142 -1.01 -3.38 16.54
C CYS B 142 -0.17 -2.12 16.79
N LEU B 143 -0.50 -1.39 17.87
CA LEU B 143 0.24 -0.18 18.21
C LEU B 143 1.55 -0.50 18.90
N LYS B 144 1.49 -1.28 19.98
CA LYS B 144 2.64 -1.71 20.76
C LYS B 144 2.51 -3.18 21.08
N THR B 145 3.64 -3.87 21.10
CA THR B 145 3.75 -5.19 21.67
C THR B 145 4.61 -5.11 22.93
N LEU B 146 4.12 -5.69 24.02
CA LEU B 146 4.87 -5.75 25.27
C LEU B 146 5.36 -7.17 25.52
N PRO B 147 6.68 -7.39 25.66
CA PRO B 147 7.15 -8.74 26.02
C PRO B 147 6.87 -9.02 27.49
N ALA B 148 5.59 -9.23 27.77
CA ALA B 148 5.04 -9.05 29.10
C ALA B 148 5.47 -10.13 30.08
N HIS B 149 5.64 -11.37 29.63
CA HIS B 149 5.77 -12.48 30.56
C HIS B 149 6.66 -13.57 29.98
N SER B 150 6.85 -14.64 30.76
CA SER B 150 7.60 -15.80 30.28
C SER B 150 6.73 -17.05 30.26
N ASP B 151 5.41 -16.85 30.21
CA ASP B 151 4.43 -17.92 30.11
C ASP B 151 3.14 -17.29 29.58
N PRO B 152 2.13 -18.09 29.26
CA PRO B 152 0.88 -17.52 28.72
C PRO B 152 0.31 -16.40 29.59
N VAL B 153 -0.24 -15.40 28.92
CA VAL B 153 -0.92 -14.26 29.55
C VAL B 153 -2.40 -14.62 29.75
N SER B 154 -2.83 -14.68 31.00
CA SER B 154 -4.18 -15.16 31.30
C SER B 154 -5.23 -14.04 31.32
N ALA B 155 -4.81 -12.81 31.61
CA ALA B 155 -5.75 -11.70 31.78
C ALA B 155 -5.05 -10.39 31.41
N VAL B 156 -5.83 -9.45 30.88
CA VAL B 156 -5.38 -8.09 30.56
C VAL B 156 -6.54 -7.12 30.80
N HIS B 157 -6.26 -6.04 31.51
CA HIS B 157 -7.34 -5.13 31.87
C HIS B 157 -6.77 -3.72 31.96
N PHE B 158 -7.53 -2.75 31.46
CA PHE B 158 -7.19 -1.34 31.59
C PHE B 158 -7.77 -0.80 32.88
N ASN B 159 -7.07 0.17 33.47
CA ASN B 159 -7.60 0.85 34.64
C ASN B 159 -8.63 1.90 34.20
N ARG B 160 -9.08 2.72 35.15
CA ARG B 160 -10.30 3.48 34.95
C ARG B 160 -10.17 4.58 33.90
N ASP B 161 -8.96 5.08 33.64
CA ASP B 161 -8.79 6.10 32.61
C ASP B 161 -7.92 5.61 31.47
N GLY B 162 -7.74 4.29 31.36
CA GLY B 162 -6.95 3.70 30.30
C GLY B 162 -5.45 3.90 30.42
N SER B 163 -4.98 4.54 31.48
CA SER B 163 -3.57 4.92 31.54
C SER B 163 -2.65 3.77 31.95
N LEU B 164 -3.21 2.73 32.56
CA LEU B 164 -2.48 1.55 33.00
C LEU B 164 -3.15 0.30 32.48
N ILE B 165 -2.34 -0.73 32.31
CA ILE B 165 -2.77 -2.06 31.90
C ILE B 165 -2.23 -3.04 32.92
N VAL B 166 -3.08 -3.91 33.45
CA VAL B 166 -2.61 -4.97 34.34
C VAL B 166 -2.69 -6.28 33.59
N SER B 167 -1.63 -7.06 33.63
CA SER B 167 -1.59 -8.35 32.96
C SER B 167 -1.18 -9.42 33.98
N SER B 168 -1.59 -10.65 33.72
CA SER B 168 -1.26 -11.76 34.61
C SER B 168 -0.83 -12.94 33.76
N SER B 169 -0.03 -13.83 34.37
CA SER B 169 0.52 -14.90 33.58
C SER B 169 0.72 -16.15 34.44
N TYR B 170 0.83 -17.29 33.75
CA TYR B 170 1.24 -18.53 34.40
C TYR B 170 2.65 -18.45 34.97
N ASP B 171 3.45 -17.48 34.55
CA ASP B 171 4.76 -17.28 35.16
C ASP B 171 4.69 -16.81 36.61
N GLY B 172 3.48 -16.55 37.15
CA GLY B 172 3.30 -16.18 38.53
C GLY B 172 3.26 -14.69 38.78
N LEU B 173 3.39 -13.87 37.75
CA LEU B 173 3.51 -12.44 37.87
C LEU B 173 2.23 -11.72 37.46
N CYS B 174 1.97 -10.62 38.16
CA CYS B 174 1.06 -9.57 37.71
C CYS B 174 1.93 -8.37 37.38
N ARG B 175 1.69 -7.74 36.23
CA ARG B 175 2.49 -6.59 35.86
C ARG B 175 1.58 -5.44 35.50
N ILE B 176 1.92 -4.26 35.99
CA ILE B 176 1.20 -3.03 35.72
C ILE B 176 2.04 -2.24 34.74
N TRP B 177 1.45 -1.93 33.60
CA TRP B 177 2.14 -1.28 32.50
C TRP B 177 1.61 0.13 32.31
N ASP B 178 2.51 1.06 32.05
CA ASP B 178 2.08 2.35 31.56
C ASP B 178 1.59 2.15 30.14
N THR B 179 0.30 2.36 29.91
CA THR B 179 -0.29 2.12 28.59
C THR B 179 0.49 2.83 27.49
N ALA B 180 0.78 4.12 27.70
CA ALA B 180 1.39 4.95 26.67
C ALA B 180 2.88 4.66 26.48
N SER B 181 3.63 4.53 27.58
CA SER B 181 5.07 4.33 27.44
C SER B 181 5.45 2.87 27.26
N GLY B 182 4.57 1.93 27.60
CA GLY B 182 4.92 0.53 27.51
C GLY B 182 5.83 0.05 28.62
N GLN B 183 6.22 0.92 29.54
CA GLN B 183 7.15 0.54 30.61
C GLN B 183 6.43 -0.24 31.69
N CYS B 184 7.09 -1.26 32.22
CA CYS B 184 6.51 -2.00 33.33
C CYS B 184 6.62 -1.14 34.58
N LEU B 185 5.49 -0.66 35.10
CA LEU B 185 5.59 0.16 36.30
C LEU B 185 5.81 -0.69 37.55
N LYS B 186 5.13 -1.83 37.65
CA LYS B 186 5.28 -2.61 38.86
C LYS B 186 5.06 -4.07 38.51
N THR B 187 5.79 -4.95 39.18
CA THR B 187 5.59 -6.38 39.06
C THR B 187 5.21 -6.90 40.43
N LEU B 188 4.08 -7.57 40.51
CA LEU B 188 3.43 -7.93 41.75
C LEU B 188 3.40 -9.45 41.87
N ILE B 189 3.90 -9.96 43.00
CA ILE B 189 3.85 -11.39 43.30
C ILE B 189 3.95 -11.50 44.82
N ASP B 190 3.31 -12.53 45.37
CA ASP B 190 3.34 -12.72 46.81
C ASP B 190 4.59 -13.53 47.14
N ASP B 191 4.55 -14.32 48.20
CA ASP B 191 5.70 -15.08 48.63
C ASP B 191 5.73 -16.51 48.06
N ASP B 192 4.90 -16.79 47.07
CA ASP B 192 4.91 -18.04 46.32
C ASP B 192 4.67 -17.69 44.86
N ASN B 193 4.86 -18.66 43.95
CA ASN B 193 4.69 -18.35 42.54
C ASN B 193 3.66 -19.23 41.81
N PRO B 194 2.43 -19.36 42.30
CA PRO B 194 1.44 -20.11 41.54
C PRO B 194 1.09 -19.36 40.25
N PRO B 195 0.68 -20.07 39.20
CA PRO B 195 0.16 -19.37 38.02
C PRO B 195 -0.90 -18.35 38.43
N VAL B 196 -0.88 -17.20 37.78
CA VAL B 196 -1.91 -16.19 37.99
C VAL B 196 -2.87 -16.32 36.82
N SER B 197 -4.11 -16.71 37.11
CA SER B 197 -5.09 -17.06 36.09
C SER B 197 -6.06 -15.94 35.79
N PHE B 198 -6.08 -14.88 36.60
CA PHE B 198 -6.97 -13.76 36.32
C PHE B 198 -6.49 -12.55 37.11
N VAL B 199 -6.73 -11.37 36.56
CA VAL B 199 -6.36 -10.12 37.21
C VAL B 199 -7.23 -9.04 36.62
N LYS B 200 -7.61 -8.07 37.43
CA LYS B 200 -8.38 -6.94 36.96
C LYS B 200 -8.26 -5.84 38.01
N PHE B 201 -8.23 -4.60 37.55
CA PHE B 201 -8.28 -3.46 38.46
C PHE B 201 -9.63 -3.42 39.17
N SER B 202 -9.61 -2.85 40.38
CA SER B 202 -10.85 -2.45 41.03
C SER B 202 -11.48 -1.29 40.26
N PRO B 203 -12.77 -1.05 40.46
CA PRO B 203 -13.41 0.10 39.81
C PRO B 203 -12.71 1.42 40.09
N ASN B 204 -12.18 1.59 41.29
CA ASN B 204 -11.54 2.85 41.64
C ASN B 204 -10.11 2.93 41.15
N GLY B 205 -9.59 1.87 40.56
CA GLY B 205 -8.25 1.82 40.02
C GLY B 205 -7.16 1.69 41.05
N LYS B 206 -7.52 1.59 42.33
CA LYS B 206 -6.52 1.51 43.38
C LYS B 206 -6.06 0.10 43.65
N TYR B 207 -6.90 -0.89 43.32
CA TYR B 207 -6.64 -2.28 43.71
C TYR B 207 -6.68 -3.18 42.48
N ILE B 208 -6.00 -4.32 42.58
CA ILE B 208 -6.10 -5.36 41.57
C ILE B 208 -6.61 -6.62 42.26
N LEU B 209 -7.58 -7.27 41.61
CA LEU B 209 -8.10 -8.55 42.04
C LEU B 209 -7.40 -9.62 41.21
N ALA B 210 -6.66 -10.52 41.86
CA ALA B 210 -5.89 -11.55 41.18
C ALA B 210 -6.29 -12.93 41.66
N ALA B 211 -6.55 -13.84 40.71
CA ALA B 211 -6.75 -15.24 41.02
C ALA B 211 -5.46 -16.00 40.75
N THR B 212 -5.14 -16.93 41.63
CA THR B 212 -4.02 -17.83 41.41
C THR B 212 -4.52 -19.26 41.45
N LEU B 213 -3.82 -20.13 40.75
CA LEU B 213 -4.26 -21.51 40.60
C LEU B 213 -3.98 -22.36 41.84
N ASP B 214 -4.09 -21.74 43.01
CA ASP B 214 -4.02 -22.43 44.29
C ASP B 214 -5.30 -22.15 45.07
N ASN B 215 -6.43 -22.06 44.38
CA ASN B 215 -7.74 -21.90 45.01
C ASN B 215 -7.84 -20.58 45.78
N THR B 216 -7.23 -19.51 45.25
CA THR B 216 -7.13 -18.26 46.00
C THR B 216 -7.42 -17.05 45.12
N LEU B 217 -8.19 -16.12 45.66
CA LEU B 217 -8.33 -14.78 45.14
C LEU B 217 -7.72 -13.82 46.14
N LYS B 218 -7.04 -12.78 45.64
CA LYS B 218 -6.43 -11.80 46.52
C LYS B 218 -6.69 -10.39 46.00
N LEU B 219 -6.99 -9.48 46.92
CA LEU B 219 -7.15 -8.07 46.60
C LEU B 219 -5.87 -7.35 46.97
N TRP B 220 -5.20 -6.79 45.97
CA TRP B 220 -3.92 -6.11 46.14
C TRP B 220 -4.08 -4.61 46.07
N ASP B 221 -3.32 -3.91 46.89
CA ASP B 221 -3.06 -2.50 46.62
C ASP B 221 -1.79 -2.51 45.78
N TYR B 222 -1.92 -2.15 44.50
CA TYR B 222 -0.73 -2.26 43.65
C TYR B 222 0.24 -1.12 43.91
N SER B 223 -0.26 0.05 44.31
CA SER B 223 0.61 1.17 44.67
C SER B 223 1.54 0.79 45.82
N LYS B 224 0.97 0.32 46.94
CA LYS B 224 1.77 -0.13 48.07
C LYS B 224 2.42 -1.49 47.83
N GLY B 225 1.99 -2.22 46.81
CA GLY B 225 2.47 -3.58 46.58
C GLY B 225 2.14 -4.54 47.72
N LYS B 226 0.91 -4.48 48.23
CA LYS B 226 0.55 -5.25 49.41
C LYS B 226 -0.84 -5.87 49.26
N CYS B 227 -0.95 -7.11 49.71
CA CYS B 227 -2.19 -7.88 49.64
C CYS B 227 -3.09 -7.52 50.81
N LEU B 228 -4.25 -6.93 50.49
CA LEU B 228 -5.21 -6.43 51.47
C LEU B 228 -6.25 -7.44 51.89
N LYS B 229 -6.68 -8.34 50.99
CA LYS B 229 -7.74 -9.28 51.30
C LYS B 229 -7.43 -10.58 50.58
N THR B 230 -7.80 -11.70 51.20
CA THR B 230 -7.67 -13.01 50.58
C THR B 230 -9.03 -13.72 50.65
N TYR B 231 -9.45 -14.31 49.53
CA TYR B 231 -10.75 -14.97 49.44
C TYR B 231 -10.54 -16.43 49.04
N THR B 232 -11.06 -17.33 49.87
CA THR B 232 -10.84 -18.75 49.70
C THR B 232 -12.15 -19.47 49.95
N GLY B 233 -12.13 -20.78 49.74
CA GLY B 233 -13.30 -21.62 49.88
C GLY B 233 -13.79 -22.20 48.58
N HIS B 234 -13.42 -21.59 47.45
CA HIS B 234 -13.79 -22.13 46.16
C HIS B 234 -12.71 -23.06 45.61
N LYS B 235 -12.95 -23.57 44.41
CA LYS B 235 -11.98 -24.48 43.78
C LYS B 235 -11.48 -23.86 42.49
N ASN B 236 -10.17 -23.66 42.40
CA ASN B 236 -9.59 -23.07 41.19
C ASN B 236 -8.11 -23.47 41.11
N GLU B 237 -7.84 -24.61 40.45
CA GLU B 237 -6.48 -25.03 40.14
C GLU B 237 -6.22 -25.26 38.66
N LYS B 238 -7.23 -25.27 37.81
CA LYS B 238 -7.04 -25.71 36.43
C LYS B 238 -7.46 -24.72 35.36
N TYR B 239 -8.32 -23.75 35.67
CA TYR B 239 -8.92 -22.91 34.65
C TYR B 239 -8.76 -21.44 34.99
N CYS B 240 -8.66 -20.63 33.94
CA CYS B 240 -8.59 -19.19 34.11
C CYS B 240 -10.01 -18.67 34.26
N ILE B 241 -10.47 -18.65 35.51
CA ILE B 241 -11.84 -18.30 35.87
C ILE B 241 -11.91 -16.80 36.13
N PHE B 242 -12.90 -16.14 35.51
CA PHE B 242 -13.09 -14.70 35.73
C PHE B 242 -13.55 -14.42 37.16
N ALA B 243 -13.29 -13.20 37.60
CA ALA B 243 -13.71 -12.71 38.91
C ALA B 243 -14.16 -11.26 38.77
N ASN B 244 -15.08 -10.85 39.62
CA ASN B 244 -15.67 -9.52 39.48
C ASN B 244 -15.81 -8.84 40.82
N PHE B 245 -15.77 -7.52 40.77
CA PHE B 245 -16.27 -6.67 41.84
C PHE B 245 -17.76 -6.43 41.58
N SER B 246 -18.61 -6.93 42.47
CA SER B 246 -20.04 -6.61 42.41
C SER B 246 -20.22 -5.31 43.19
N VAL B 247 -20.87 -4.32 42.56
CA VAL B 247 -20.86 -2.97 43.14
C VAL B 247 -22.23 -2.32 43.12
N THR B 248 -23.18 -2.95 42.42
CA THR B 248 -24.51 -2.35 42.26
C THR B 248 -25.29 -2.33 43.56
N GLY B 249 -25.14 -3.38 44.37
CA GLY B 249 -25.79 -3.45 45.66
C GLY B 249 -24.73 -3.56 46.74
N GLY B 250 -24.73 -4.65 47.50
CA GLY B 250 -23.65 -4.90 48.42
C GLY B 250 -22.32 -5.06 47.70
N LYS B 251 -21.24 -4.80 48.42
CA LYS B 251 -19.91 -4.81 47.82
C LYS B 251 -19.35 -6.22 47.92
N TRP B 252 -19.52 -7.01 46.87
CA TRP B 252 -19.05 -8.39 46.85
C TRP B 252 -17.89 -8.59 45.90
N ILE B 253 -17.18 -9.70 46.14
CA ILE B 253 -16.35 -10.37 45.16
C ILE B 253 -17.12 -11.57 44.61
N VAL B 254 -17.13 -11.72 43.29
CA VAL B 254 -17.84 -12.81 42.62
C VAL B 254 -16.85 -13.62 41.79
N SER B 255 -16.97 -14.95 41.86
CA SER B 255 -16.13 -15.79 41.02
C SER B 255 -16.79 -17.12 40.73
N GLY B 256 -16.43 -17.68 39.59
CA GLY B 256 -16.74 -19.06 39.31
C GLY B 256 -15.85 -19.97 40.12
N SER B 257 -16.14 -21.26 40.02
CA SER B 257 -15.40 -22.27 40.76
C SER B 257 -15.43 -23.58 39.98
N GLU B 258 -14.41 -24.40 40.20
CA GLU B 258 -14.34 -25.67 39.51
C GLU B 258 -15.20 -26.75 40.17
N ASP B 259 -15.94 -26.41 41.23
CA ASP B 259 -16.93 -27.31 41.81
C ASP B 259 -18.36 -26.97 41.34
N ASN B 260 -18.49 -26.25 40.22
CA ASN B 260 -19.75 -25.97 39.51
C ASN B 260 -20.59 -24.92 40.21
N LEU B 261 -20.05 -24.21 41.20
CA LEU B 261 -20.78 -23.13 41.87
C LEU B 261 -20.19 -21.78 41.51
N VAL B 262 -21.02 -20.76 41.73
CA VAL B 262 -20.62 -19.36 41.75
C VAL B 262 -20.44 -18.95 43.21
N TYR B 263 -19.26 -18.47 43.56
CA TYR B 263 -19.00 -18.03 44.91
C TYR B 263 -19.16 -16.52 45.02
N ILE B 264 -19.73 -16.06 46.12
CA ILE B 264 -19.90 -14.64 46.39
C ILE B 264 -19.32 -14.34 47.76
N TRP B 265 -18.36 -13.42 47.83
CA TRP B 265 -17.72 -13.05 49.08
C TRP B 265 -18.07 -11.62 49.45
N ASN B 266 -18.24 -11.37 50.73
CA ASN B 266 -18.24 -10.00 51.22
C ASN B 266 -16.84 -9.45 51.03
N LEU B 267 -16.71 -8.40 50.22
CA LEU B 267 -15.39 -7.85 49.90
C LEU B 267 -14.60 -7.52 51.16
N GLN B 268 -15.20 -6.78 52.10
CA GLN B 268 -14.49 -6.35 53.30
C GLN B 268 -14.19 -7.52 54.24
N THR B 269 -15.19 -8.32 54.60
CA THR B 269 -14.96 -9.32 55.64
C THR B 269 -14.36 -10.61 55.09
N LYS B 270 -14.37 -10.82 53.78
CA LYS B 270 -13.83 -12.00 53.11
C LYS B 270 -14.66 -13.25 53.34
N GLU B 271 -15.79 -13.14 54.04
CA GLU B 271 -16.61 -14.30 54.33
C GLU B 271 -17.40 -14.66 53.08
N ILE B 272 -17.54 -15.96 52.83
CA ILE B 272 -18.46 -16.38 51.78
C ILE B 272 -19.87 -16.01 52.21
N VAL B 273 -20.56 -15.25 51.36
CA VAL B 273 -21.93 -14.86 51.68
C VAL B 273 -22.96 -15.60 50.83
N GLN B 274 -22.56 -16.24 49.72
CA GLN B 274 -23.51 -17.01 48.94
C GLN B 274 -22.78 -17.95 48.00
N LYS B 275 -23.46 -19.05 47.66
CA LYS B 275 -22.96 -19.99 46.68
C LYS B 275 -24.13 -20.33 45.77
N LEU B 276 -24.00 -20.04 44.49
CA LEU B 276 -25.08 -20.28 43.55
C LEU B 276 -24.91 -21.67 42.94
N GLN B 277 -25.88 -22.55 43.20
CA GLN B 277 -25.88 -23.92 42.69
C GLN B 277 -26.82 -24.06 41.48
N GLY B 278 -26.39 -24.83 40.47
CA GLY B 278 -27.24 -25.05 39.32
C GLY B 278 -26.49 -25.52 38.10
N HIS B 279 -25.29 -24.96 37.91
CA HIS B 279 -24.42 -25.40 36.83
C HIS B 279 -23.98 -26.83 37.06
N THR B 280 -23.73 -27.53 35.96
CA THR B 280 -23.30 -28.92 36.01
C THR B 280 -21.88 -29.08 35.51
N ASP B 281 -21.13 -27.98 35.43
CA ASP B 281 -19.70 -28.04 35.10
C ASP B 281 -19.03 -26.77 35.61
N VAL B 282 -17.70 -26.74 35.48
CA VAL B 282 -16.90 -25.60 35.94
C VAL B 282 -17.53 -24.31 35.46
N VAL B 283 -17.82 -23.40 36.40
CA VAL B 283 -18.31 -22.07 36.08
C VAL B 283 -17.09 -21.23 35.71
N ILE B 284 -16.83 -21.11 34.40
CA ILE B 284 -15.60 -20.48 33.94
C ILE B 284 -15.67 -18.96 34.02
N SER B 285 -16.86 -18.38 33.99
CA SER B 285 -17.03 -16.96 33.79
C SER B 285 -18.23 -16.49 34.58
N THR B 286 -18.08 -15.33 35.22
CA THR B 286 -19.20 -14.62 35.81
C THR B 286 -19.08 -13.19 35.36
N ALA B 287 -20.20 -12.48 35.39
CA ALA B 287 -20.24 -11.07 35.02
C ALA B 287 -21.31 -10.42 35.87
N CYS B 288 -21.08 -9.15 36.19
CA CYS B 288 -22.01 -8.40 37.01
C CYS B 288 -22.63 -7.29 36.18
N HIS B 289 -23.93 -7.14 36.32
CA HIS B 289 -24.63 -6.15 35.52
C HIS B 289 -24.24 -4.74 35.98
N PRO B 290 -24.16 -3.79 35.04
CA PRO B 290 -23.70 -2.44 35.42
C PRO B 290 -24.65 -1.68 36.36
N THR B 291 -25.96 -1.95 36.36
CA THR B 291 -26.84 -1.19 37.25
C THR B 291 -27.78 -2.04 38.08
N GLU B 292 -28.11 -3.26 37.67
CA GLU B 292 -28.98 -4.14 38.44
C GLU B 292 -28.13 -5.15 39.20
N ASN B 293 -28.71 -5.71 40.25
CA ASN B 293 -28.05 -6.77 41.00
C ASN B 293 -28.31 -8.08 40.27
N ILE B 294 -27.60 -8.26 39.15
CA ILE B 294 -27.71 -9.43 38.29
C ILE B 294 -26.32 -9.97 38.02
N ILE B 295 -26.14 -11.27 38.20
CA ILE B 295 -24.92 -11.97 37.84
C ILE B 295 -25.23 -12.88 36.66
N ALA B 296 -24.36 -12.86 35.67
CA ALA B 296 -24.37 -13.86 34.62
C ALA B 296 -23.25 -14.85 34.89
N SER B 297 -23.51 -16.14 34.69
CA SER B 297 -22.49 -17.17 34.87
C SER B 297 -22.54 -18.08 33.67
N ALA B 298 -21.43 -18.77 33.42
CA ALA B 298 -21.32 -19.61 32.24
C ALA B 298 -20.42 -20.80 32.55
N ALA B 299 -20.73 -21.94 31.95
CA ALA B 299 -20.06 -23.17 32.33
C ALA B 299 -19.47 -23.90 31.13
N LEU B 300 -18.57 -24.83 31.44
CA LEU B 300 -17.84 -25.58 30.41
C LEU B 300 -18.67 -26.72 29.80
N GLU B 301 -17.96 -27.66 29.19
CA GLU B 301 -18.52 -28.51 28.13
C GLU B 301 -19.61 -29.46 28.61
N ASN B 302 -19.62 -29.83 29.89
CA ASN B 302 -20.67 -30.70 30.40
C ASN B 302 -21.91 -29.92 30.81
N ASP B 303 -21.94 -28.62 30.49
CA ASP B 303 -23.02 -27.73 30.86
C ASP B 303 -23.37 -26.86 29.66
N LYS B 304 -22.43 -26.00 29.23
CA LYS B 304 -22.54 -25.19 28.02
C LYS B 304 -23.64 -24.15 28.09
N THR B 305 -24.20 -23.88 29.27
CA THR B 305 -25.27 -22.90 29.36
C THR B 305 -24.82 -21.69 30.16
N ILE B 306 -25.58 -20.61 30.00
CA ILE B 306 -25.39 -19.37 30.73
C ILE B 306 -26.58 -19.23 31.66
N LYS B 307 -26.33 -18.72 32.87
CA LYS B 307 -27.39 -18.58 33.85
C LYS B 307 -27.42 -17.16 34.32
N LEU B 308 -28.62 -16.60 34.45
CA LEU B 308 -28.77 -15.24 34.93
C LEU B 308 -29.40 -15.30 36.32
N TRP B 309 -28.75 -14.67 37.29
CA TRP B 309 -29.21 -14.65 38.67
C TRP B 309 -29.55 -13.22 39.06
N LYS B 310 -30.48 -13.06 40.00
CA LYS B 310 -30.95 -11.76 40.45
C LYS B 310 -30.99 -11.72 41.97
N SER B 311 -30.57 -10.60 42.55
CA SER B 311 -30.59 -10.40 43.98
C SER B 311 -31.26 -9.08 44.32
N ASP B 312 -31.97 -9.06 45.41
CA ASP B 312 -32.60 -7.85 45.88
C ASP B 312 -31.57 -6.87 46.33
N CYS B 313 -30.44 -7.38 46.80
CA CYS B 313 -29.41 -6.53 47.32
C CYS B 313 -28.02 -6.91 46.80
N VAL C 10 17.26 39.60 -20.95
CA VAL C 10 17.03 38.47 -20.06
C VAL C 10 16.56 37.26 -20.88
N LYS C 11 17.09 36.09 -20.50
CA LYS C 11 16.72 34.84 -21.13
C LYS C 11 16.23 33.88 -20.06
N PRO C 12 15.42 32.88 -20.41
CA PRO C 12 15.04 31.88 -19.42
C PRO C 12 16.24 30.98 -19.12
N ASN C 13 16.10 30.22 -18.04
CA ASN C 13 17.09 29.21 -17.68
C ASN C 13 16.40 27.88 -17.41
N TYR C 14 15.49 27.50 -18.33
CA TYR C 14 14.78 26.23 -18.21
C TYR C 14 15.77 25.07 -18.10
N ALA C 15 15.52 24.21 -17.11
CA ALA C 15 16.39 23.08 -16.81
C ALA C 15 15.51 21.88 -16.54
N LEU C 16 15.91 20.73 -17.09
CA LEU C 16 15.16 19.49 -16.91
C LEU C 16 15.00 19.16 -15.44
N LYS C 17 13.75 18.94 -15.03
CA LYS C 17 13.47 18.57 -13.65
C LYS C 17 12.95 17.16 -13.51
N PHE C 18 12.07 16.72 -14.41
CA PHE C 18 11.52 15.38 -14.35
C PHE C 18 11.38 14.82 -15.75
N THR C 19 11.59 13.52 -15.87
CA THR C 19 11.17 12.80 -17.06
C THR C 19 10.02 11.88 -16.67
N LEU C 20 8.97 11.89 -17.48
CA LEU C 20 7.77 11.11 -17.23
C LEU C 20 7.63 10.08 -18.34
N ALA C 21 7.40 8.83 -17.97
CA ALA C 21 7.28 7.77 -18.95
C ALA C 21 6.16 6.83 -18.55
N GLY C 22 5.59 6.15 -19.55
CA GLY C 22 4.54 5.21 -19.25
C GLY C 22 3.71 4.92 -20.48
N HIS C 23 3.73 5.84 -21.44
CA HIS C 23 3.05 5.62 -22.72
C HIS C 23 3.85 4.62 -23.55
N THR C 24 3.19 3.76 -24.30
CA THR C 24 3.94 2.74 -25.02
C THR C 24 4.10 3.04 -26.50
N LYS C 25 3.58 4.17 -26.97
CA LYS C 25 3.84 4.65 -28.32
C LYS C 25 4.02 6.16 -28.20
N ALA C 26 4.28 6.79 -29.33
CA ALA C 26 4.53 8.23 -29.33
C ALA C 26 3.47 8.99 -28.55
N VAL C 27 3.92 9.94 -27.75
CA VAL C 27 3.02 10.91 -27.13
C VAL C 27 2.60 11.90 -28.20
N SER C 28 1.33 12.33 -28.18
CA SER C 28 0.86 13.28 -29.17
C SER C 28 0.65 14.69 -28.62
N SER C 29 0.26 14.83 -27.36
CA SER C 29 -0.16 16.11 -26.82
C SER C 29 0.01 16.10 -25.31
N VAL C 30 0.51 17.21 -24.75
CA VAL C 30 0.51 17.40 -23.31
C VAL C 30 -0.17 18.73 -23.01
N LYS C 31 -0.91 18.79 -21.91
CA LYS C 31 -1.63 20.00 -21.54
C LYS C 31 -1.71 20.10 -20.02
N PHE C 32 -1.43 21.28 -19.47
CA PHE C 32 -1.59 21.52 -18.04
C PHE C 32 -3.04 21.86 -17.74
N SER C 33 -3.55 21.34 -16.62
CA SER C 33 -4.87 21.73 -16.16
C SER C 33 -4.85 23.22 -15.82
N PRO C 34 -5.94 23.95 -16.08
CA PRO C 34 -5.97 25.37 -15.71
C PRO C 34 -5.69 25.62 -14.24
N ASN C 35 -6.08 24.71 -13.35
CA ASN C 35 -5.79 24.93 -11.94
C ASN C 35 -4.36 24.60 -11.58
N GLY C 36 -3.53 24.25 -12.56
CA GLY C 36 -2.12 24.03 -12.36
C GLY C 36 -1.73 22.70 -11.75
N GLU C 37 -2.68 21.90 -11.32
CA GLU C 37 -2.33 20.72 -10.53
C GLU C 37 -1.83 19.57 -11.38
N TRP C 38 -2.33 19.43 -12.61
CA TRP C 38 -2.15 18.21 -13.40
C TRP C 38 -1.58 18.51 -14.77
N LEU C 39 -0.94 17.49 -15.33
CA LEU C 39 -0.61 17.44 -16.74
C LEU C 39 -1.33 16.24 -17.34
N ALA C 40 -1.96 16.44 -18.48
CA ALA C 40 -2.59 15.37 -19.24
C ALA C 40 -1.78 15.15 -20.51
N SER C 41 -1.57 13.88 -20.87
CA SER C 41 -0.92 13.53 -22.11
C SER C 41 -1.80 12.56 -22.87
N SER C 42 -1.79 12.67 -24.19
CA SER C 42 -2.42 11.68 -25.03
C SER C 42 -1.35 11.01 -25.88
N SER C 43 -1.69 9.86 -26.46
CA SER C 43 -0.69 9.10 -27.16
C SER C 43 -1.35 8.22 -28.20
N ALA C 44 -0.57 7.87 -29.22
CA ALA C 44 -0.98 6.89 -30.21
C ALA C 44 -1.25 5.51 -29.59
N ASP C 45 -0.96 5.33 -28.31
CA ASP C 45 -1.23 4.06 -27.64
C ASP C 45 -2.65 3.97 -27.10
N LYS C 46 -3.51 4.95 -27.42
CA LYS C 46 -4.96 4.97 -27.16
C LYS C 46 -5.28 5.45 -25.75
N LEU C 47 -4.29 5.90 -25.01
CA LEU C 47 -4.46 6.19 -23.60
C LEU C 47 -4.27 7.68 -23.35
N ILE C 48 -4.98 8.17 -22.35
CA ILE C 48 -4.70 9.45 -21.73
C ILE C 48 -4.11 9.12 -20.38
N LYS C 49 -3.06 9.85 -19.99
CA LYS C 49 -2.49 9.72 -18.66
C LYS C 49 -2.48 11.08 -17.99
N ILE C 50 -2.80 11.08 -16.70
CA ILE C 50 -2.78 12.27 -15.85
C ILE C 50 -1.53 12.18 -14.98
N TRP C 51 -0.84 13.31 -14.83
CA TRP C 51 0.41 13.34 -14.08
C TRP C 51 0.40 14.56 -13.18
N GLY C 52 1.12 14.46 -12.08
CA GLY C 52 1.28 15.61 -11.20
C GLY C 52 2.07 16.69 -11.92
N ALA C 53 1.50 17.90 -12.00
CA ALA C 53 2.18 18.98 -12.70
C ALA C 53 3.49 19.39 -12.02
N TYR C 54 3.60 19.21 -10.71
CA TYR C 54 4.78 19.73 -10.01
C TYR C 54 5.84 18.69 -9.76
N ASP C 55 5.54 17.42 -9.92
CA ASP C 55 6.55 16.39 -9.73
C ASP C 55 6.47 15.31 -10.79
N GLY C 56 5.54 15.40 -11.73
CA GLY C 56 5.38 14.35 -12.69
C GLY C 56 4.84 13.06 -12.15
N LYS C 57 4.23 13.08 -10.97
CA LYS C 57 3.77 11.82 -10.40
C LYS C 57 2.67 11.23 -11.25
N PHE C 58 2.85 9.97 -11.64
CA PHE C 58 1.79 9.30 -12.39
C PHE C 58 0.54 9.22 -11.54
N GLU C 59 -0.58 9.68 -12.09
CA GLU C 59 -1.82 9.70 -11.35
C GLU C 59 -2.75 8.58 -11.80
N LYS C 60 -3.07 8.54 -13.08
CA LYS C 60 -4.00 7.53 -13.58
C LYS C 60 -3.97 7.50 -15.10
N THR C 61 -4.39 6.37 -15.64
CA THR C 61 -4.63 6.18 -17.05
C THR C 61 -6.12 6.26 -17.31
N ILE C 62 -6.49 6.93 -18.40
CA ILE C 62 -7.88 7.06 -18.81
C ILE C 62 -8.02 6.40 -20.17
N SER C 63 -8.94 5.45 -20.30
CA SER C 63 -8.96 4.60 -21.47
C SER C 63 -10.38 4.43 -21.99
N GLY C 64 -10.47 4.02 -23.24
CA GLY C 64 -11.76 3.85 -23.89
C GLY C 64 -11.71 4.10 -25.38
N HIS C 65 -10.84 5.00 -25.85
CA HIS C 65 -10.71 5.19 -27.29
C HIS C 65 -10.22 3.90 -27.95
N LYS C 66 -10.70 3.65 -29.16
CA LYS C 66 -10.35 2.41 -29.84
C LYS C 66 -9.13 2.53 -30.74
N LEU C 67 -8.68 3.75 -31.04
CA LEU C 67 -7.46 3.97 -31.81
C LEU C 67 -6.67 5.07 -31.13
N GLY C 68 -5.53 5.42 -31.72
CA GLY C 68 -4.64 6.39 -31.11
C GLY C 68 -5.27 7.76 -31.02
N ILE C 69 -4.74 8.55 -30.09
CA ILE C 69 -5.27 9.87 -29.74
C ILE C 69 -4.30 10.95 -30.18
N SER C 70 -4.78 12.00 -30.85
CA SER C 70 -3.89 13.05 -31.32
C SER C 70 -3.88 14.29 -30.45
N ASP C 71 -4.89 14.48 -29.62
CA ASP C 71 -5.03 15.71 -28.87
C ASP C 71 -5.89 15.46 -27.66
N VAL C 72 -5.68 16.29 -26.64
CA VAL C 72 -6.46 16.28 -25.41
C VAL C 72 -6.54 17.72 -24.94
N ALA C 73 -7.59 18.06 -24.21
CA ALA C 73 -7.76 19.42 -23.73
C ALA C 73 -8.59 19.41 -22.47
N TRP C 74 -8.29 20.37 -21.58
CA TRP C 74 -8.93 20.51 -20.28
C TRP C 74 -10.11 21.48 -20.33
N SER C 75 -11.13 21.22 -19.50
CA SER C 75 -12.14 22.24 -19.25
C SER C 75 -11.59 23.29 -18.30
N SER C 76 -12.22 24.46 -18.31
CA SER C 76 -11.68 25.58 -17.54
C SER C 76 -11.65 25.28 -16.05
N ASP C 77 -12.53 24.40 -15.57
CA ASP C 77 -12.57 24.05 -14.15
C ASP C 77 -11.70 22.85 -13.78
N SER C 78 -10.88 22.33 -14.70
CA SER C 78 -9.98 21.19 -14.46
C SER C 78 -10.72 19.91 -14.12
N ASN C 79 -12.01 19.82 -14.41
CA ASN C 79 -12.73 18.60 -14.10
C ASN C 79 -12.92 17.69 -15.28
N LEU C 80 -12.81 18.20 -16.50
CA LEU C 80 -13.13 17.41 -17.68
C LEU C 80 -12.00 17.49 -18.67
N LEU C 81 -11.84 16.39 -19.42
CA LEU C 81 -10.99 16.35 -20.60
C LEU C 81 -11.82 15.98 -21.81
N VAL C 82 -11.39 16.49 -22.96
CA VAL C 82 -11.87 16.01 -24.24
C VAL C 82 -10.65 15.56 -25.03
N SER C 83 -10.79 14.42 -25.69
CA SER C 83 -9.71 13.85 -26.48
C SER C 83 -10.16 13.69 -27.93
N ALA C 84 -9.20 13.79 -28.85
CA ALA C 84 -9.46 13.68 -30.28
C ALA C 84 -8.73 12.45 -30.80
N SER C 85 -9.46 11.52 -31.40
CA SER C 85 -8.90 10.20 -31.68
C SER C 85 -9.04 9.80 -33.16
N ASP C 86 -8.07 9.02 -33.64
CA ASP C 86 -8.17 8.33 -34.93
C ASP C 86 -9.45 7.54 -35.08
N ASP C 87 -10.11 7.14 -33.98
CA ASP C 87 -11.31 6.35 -34.13
C ASP C 87 -12.52 7.17 -34.58
N LYS C 88 -12.31 8.45 -34.92
CA LYS C 88 -13.30 9.38 -35.48
C LYS C 88 -14.27 9.91 -34.44
N THR C 89 -13.93 9.78 -33.16
CA THR C 89 -14.72 10.35 -32.07
C THR C 89 -13.89 11.32 -31.28
N LEU C 90 -14.58 12.25 -30.62
CA LEU C 90 -14.05 12.87 -29.42
C LEU C 90 -14.71 12.18 -28.23
N LYS C 91 -14.01 12.17 -27.11
CA LYS C 91 -14.61 11.69 -25.88
C LYS C 91 -14.45 12.76 -24.83
N ILE C 92 -15.51 12.97 -24.05
CA ILE C 92 -15.48 13.83 -22.88
C ILE C 92 -15.27 12.95 -21.66
N TRP C 93 -14.30 13.31 -20.82
CA TRP C 93 -13.91 12.47 -19.70
C TRP C 93 -14.12 13.19 -18.39
N ASP C 94 -14.62 12.50 -17.39
CA ASP C 94 -14.57 13.01 -16.03
C ASP C 94 -13.22 12.60 -15.46
N VAL C 95 -12.34 13.58 -15.20
CA VAL C 95 -10.97 13.27 -14.82
C VAL C 95 -10.88 12.54 -13.49
N SER C 96 -11.71 12.92 -12.51
CA SER C 96 -11.64 12.27 -11.19
C SER C 96 -12.07 10.81 -11.25
N SER C 97 -13.17 10.51 -11.97
CA SER C 97 -13.61 9.12 -12.08
C SER C 97 -13.00 8.39 -13.26
N GLY C 98 -12.38 9.11 -14.19
CA GLY C 98 -11.86 8.49 -15.39
C GLY C 98 -12.90 7.93 -16.32
N LYS C 99 -14.19 8.22 -16.09
CA LYS C 99 -15.25 7.64 -16.92
C LYS C 99 -15.51 8.49 -18.15
N CYS C 100 -15.74 7.84 -19.28
CA CYS C 100 -16.14 8.57 -20.48
C CYS C 100 -17.57 9.07 -20.28
N LEU C 101 -17.78 10.40 -20.34
CA LEU C 101 -19.12 10.94 -20.15
C LEU C 101 -19.94 10.97 -21.43
N LYS C 102 -19.31 11.38 -22.54
CA LYS C 102 -19.97 11.44 -23.83
C LYS C 102 -18.97 10.99 -24.89
N THR C 103 -19.46 10.35 -25.93
CA THR C 103 -18.66 10.11 -27.12
C THR C 103 -19.22 10.99 -28.23
N LEU C 104 -18.37 11.84 -28.80
CA LEU C 104 -18.83 12.84 -29.76
C LEU C 104 -18.57 12.29 -31.15
N LYS C 105 -19.65 12.05 -31.90
CA LYS C 105 -19.60 11.37 -33.20
C LYS C 105 -20.21 12.25 -34.29
N GLY C 106 -19.61 12.19 -35.48
CA GLY C 106 -20.00 13.10 -36.54
C GLY C 106 -18.93 13.35 -37.59
N HIS C 107 -17.68 13.49 -37.18
CA HIS C 107 -16.59 13.55 -38.15
C HIS C 107 -16.55 12.25 -38.94
N SER C 108 -16.14 12.35 -40.21
CA SER C 108 -16.07 11.17 -41.05
C SER C 108 -14.63 10.68 -41.24
N ASN C 109 -13.71 11.10 -40.38
CA ASN C 109 -12.29 10.78 -40.51
C ASN C 109 -11.63 11.11 -39.18
N TYR C 110 -10.32 10.86 -39.08
CA TYR C 110 -9.62 11.04 -37.81
C TYR C 110 -9.90 12.42 -37.23
N VAL C 111 -10.16 12.47 -35.93
CA VAL C 111 -10.25 13.75 -35.21
C VAL C 111 -8.83 14.07 -34.72
N PHE C 112 -8.37 15.26 -35.05
CA PHE C 112 -6.96 15.63 -34.93
C PHE C 112 -6.68 16.60 -33.81
N CYS C 113 -7.64 17.45 -33.47
CA CYS C 113 -7.40 18.56 -32.57
C CYS C 113 -8.72 18.91 -31.91
N CYS C 114 -8.63 19.49 -30.72
CA CYS C 114 -9.83 19.74 -29.93
C CYS C 114 -9.51 20.76 -28.85
N ASN C 115 -10.54 21.51 -28.45
CA ASN C 115 -10.40 22.47 -27.36
C ASN C 115 -11.78 22.75 -26.78
N PHE C 116 -11.80 23.10 -25.49
CA PHE C 116 -12.97 23.67 -24.83
C PHE C 116 -12.97 25.17 -25.08
N ASN C 117 -14.16 25.78 -25.11
CA ASN C 117 -14.20 27.23 -25.05
C ASN C 117 -13.93 27.59 -23.60
N PRO C 118 -13.66 28.88 -23.32
CA PRO C 118 -13.39 29.27 -21.93
C PRO C 118 -14.51 28.88 -20.98
N GLN C 119 -15.76 29.10 -21.39
CA GLN C 119 -16.87 28.69 -20.55
C GLN C 119 -16.99 27.17 -20.40
N SER C 120 -16.38 26.40 -21.31
CA SER C 120 -16.35 24.94 -21.27
C SER C 120 -17.72 24.31 -21.46
N ASN C 121 -18.66 25.07 -22.03
CA ASN C 121 -19.95 24.52 -22.42
C ASN C 121 -19.93 24.02 -23.85
N LEU C 122 -18.85 24.31 -24.59
CA LEU C 122 -18.66 23.89 -25.96
C LEU C 122 -17.27 23.32 -26.14
N ILE C 123 -17.15 22.48 -27.17
CA ILE C 123 -15.89 21.90 -27.61
C ILE C 123 -15.78 22.16 -29.10
N VAL C 124 -14.60 22.61 -29.54
CA VAL C 124 -14.30 22.73 -30.96
C VAL C 124 -13.38 21.59 -31.36
N SER C 125 -13.64 20.98 -32.52
CA SER C 125 -12.82 19.89 -33.04
C SER C 125 -12.46 20.11 -34.50
N GLY C 126 -11.30 19.63 -34.89
CA GLY C 126 -10.91 19.61 -36.28
C GLY C 126 -10.47 18.22 -36.67
N SER C 127 -10.56 17.91 -37.96
CA SER C 127 -10.48 16.53 -38.37
C SER C 127 -9.89 16.40 -39.77
N PHE C 128 -9.42 15.18 -40.08
CA PHE C 128 -8.98 14.87 -41.43
C PHE C 128 -10.09 15.05 -42.45
N ASP C 129 -11.35 15.06 -42.03
CA ASP C 129 -12.49 15.22 -42.93
C ASP C 129 -12.70 16.66 -43.38
N GLU C 130 -11.79 17.57 -43.04
CA GLU C 130 -11.72 18.96 -43.54
C GLU C 130 -12.77 19.86 -42.92
N SER C 131 -13.44 19.40 -41.87
CA SER C 131 -14.49 20.15 -41.21
C SER C 131 -14.04 20.55 -39.82
N VAL C 132 -14.66 21.60 -39.31
CA VAL C 132 -14.55 21.99 -37.90
C VAL C 132 -15.92 21.77 -37.28
N ARG C 133 -15.99 21.03 -36.17
CA ARG C 133 -17.27 20.81 -35.52
C ARG C 133 -17.27 21.49 -34.17
N ILE C 134 -18.45 21.98 -33.78
CA ILE C 134 -18.71 22.57 -32.48
C ILE C 134 -19.72 21.69 -31.75
N TRP C 135 -19.40 21.30 -30.52
CA TRP C 135 -20.15 20.29 -29.80
C TRP C 135 -20.68 20.84 -28.48
N ASP C 136 -21.88 20.43 -28.12
CA ASP C 136 -22.46 20.74 -26.84
C ASP C 136 -21.90 19.81 -25.77
N VAL C 137 -21.18 20.37 -24.78
CA VAL C 137 -20.49 19.56 -23.77
C VAL C 137 -21.46 18.68 -23.01
N LYS C 138 -22.59 19.26 -22.57
CA LYS C 138 -23.52 18.56 -21.68
C LYS C 138 -24.23 17.42 -22.41
N THR C 139 -24.69 17.65 -23.64
CA THR C 139 -25.43 16.64 -24.38
C THR C 139 -24.53 15.77 -25.26
N GLY C 140 -23.31 16.21 -25.54
CA GLY C 140 -22.46 15.48 -26.45
C GLY C 140 -22.89 15.53 -27.89
N LYS C 141 -23.89 16.34 -28.23
CA LYS C 141 -24.34 16.37 -29.61
C LYS C 141 -23.60 17.45 -30.39
N CYS C 142 -23.42 17.20 -31.68
CA CYS C 142 -22.81 18.20 -32.54
C CYS C 142 -23.76 19.38 -32.74
N LEU C 143 -23.33 20.56 -32.26
CA LEU C 143 -24.10 21.79 -32.44
C LEU C 143 -24.01 22.32 -33.87
N LYS C 144 -22.79 22.49 -34.38
CA LYS C 144 -22.59 23.00 -35.74
C LYS C 144 -21.40 22.30 -36.38
N THR C 145 -21.45 22.22 -37.71
CA THR C 145 -20.32 21.80 -38.51
C THR C 145 -19.94 22.95 -39.42
N LEU C 146 -18.66 23.25 -39.50
CA LEU C 146 -18.20 24.27 -40.42
C LEU C 146 -17.45 23.61 -41.57
N PRO C 147 -17.86 23.87 -42.83
CA PRO C 147 -17.08 23.39 -43.97
C PRO C 147 -15.80 24.21 -44.09
N ALA C 148 -14.92 24.01 -43.14
CA ALA C 148 -13.89 25.01 -42.84
C ALA C 148 -12.75 25.00 -43.85
N HIS C 149 -12.37 23.82 -44.34
CA HIS C 149 -11.14 23.69 -45.09
C HIS C 149 -11.29 22.68 -46.21
N SER C 150 -10.24 22.55 -47.01
CA SER C 150 -10.19 21.63 -48.14
C SER C 150 -9.03 20.66 -48.01
N ASP C 151 -8.62 20.40 -46.77
CA ASP C 151 -7.58 19.44 -46.39
C ASP C 151 -7.66 19.34 -44.87
N PRO C 152 -7.00 18.35 -44.27
CA PRO C 152 -7.11 18.15 -42.82
C PRO C 152 -6.93 19.43 -42.02
N VAL C 153 -7.70 19.54 -40.95
CA VAL C 153 -7.70 20.70 -40.06
C VAL C 153 -6.67 20.41 -38.99
N SER C 154 -5.59 21.18 -38.99
CA SER C 154 -4.48 20.87 -38.07
C SER C 154 -4.74 21.37 -36.66
N ALA C 155 -5.56 22.40 -36.50
CA ALA C 155 -5.70 23.01 -35.16
C ALA C 155 -7.00 23.79 -35.10
N VAL C 156 -7.57 23.87 -33.90
CA VAL C 156 -8.78 24.62 -33.61
C VAL C 156 -8.63 25.24 -32.22
N HIS C 157 -8.97 26.52 -32.11
CA HIS C 157 -8.77 27.22 -30.83
C HIS C 157 -9.85 28.28 -30.64
N PHE C 158 -10.37 28.39 -29.43
CA PHE C 158 -11.30 29.47 -29.06
C PHE C 158 -10.53 30.67 -28.56
N ASN C 159 -11.07 31.85 -28.82
CA ASN C 159 -10.46 33.06 -28.28
C ASN C 159 -10.91 33.22 -26.82
N ARG C 160 -10.53 34.34 -26.18
CA ARG C 160 -10.57 34.43 -24.72
C ARG C 160 -11.99 34.43 -24.16
N ASP C 161 -12.99 34.80 -24.96
CA ASP C 161 -14.37 34.76 -24.52
C ASP C 161 -15.18 33.75 -25.31
N GLY C 162 -14.54 32.85 -26.07
CA GLY C 162 -15.26 31.86 -26.83
C GLY C 162 -16.04 32.37 -28.02
N SER C 163 -16.01 33.68 -28.29
CA SER C 163 -16.81 34.23 -29.37
C SER C 163 -16.22 33.92 -30.73
N LEU C 164 -14.92 33.65 -30.82
CA LEU C 164 -14.31 33.30 -32.08
C LEU C 164 -13.60 31.96 -32.01
N ILE C 165 -13.44 31.34 -33.18
CA ILE C 165 -12.62 30.15 -33.35
C ILE C 165 -11.62 30.44 -34.45
N VAL C 166 -10.37 30.04 -34.26
CA VAL C 166 -9.40 30.05 -35.34
C VAL C 166 -9.12 28.60 -35.73
N SER C 167 -9.12 28.34 -37.03
CA SER C 167 -8.74 27.03 -37.54
C SER C 167 -7.53 27.17 -38.46
N SER C 168 -6.80 26.07 -38.60
CA SER C 168 -5.69 26.00 -39.54
C SER C 168 -5.77 24.66 -40.24
N SER C 169 -5.19 24.59 -41.43
CA SER C 169 -5.33 23.39 -42.25
C SER C 169 -4.15 23.27 -43.20
N TYR C 170 -3.89 22.03 -43.61
CA TYR C 170 -2.92 21.75 -44.65
C TYR C 170 -3.26 22.44 -45.96
N ASP C 171 -4.50 22.87 -46.10
CA ASP C 171 -4.88 23.66 -47.25
C ASP C 171 -4.16 25.03 -47.30
N GLY C 172 -3.41 25.37 -46.26
CA GLY C 172 -2.68 26.61 -46.24
C GLY C 172 -3.41 27.79 -45.63
N LEU C 173 -4.62 27.59 -45.14
CA LEU C 173 -5.42 28.69 -44.62
C LEU C 173 -5.47 28.66 -43.10
N CYS C 174 -5.53 29.86 -42.54
CA CYS C 174 -6.04 30.12 -41.21
C CYS C 174 -7.38 30.80 -41.40
N ARG C 175 -8.38 30.43 -40.59
CA ARG C 175 -9.65 31.12 -40.70
C ARG C 175 -10.18 31.40 -39.30
N ILE C 176 -10.63 32.62 -39.09
CA ILE C 176 -11.31 33.01 -37.86
C ILE C 176 -12.82 32.93 -38.10
N TRP C 177 -13.54 32.29 -37.18
CA TRP C 177 -14.96 32.05 -37.28
C TRP C 177 -15.70 32.67 -36.11
N ASP C 178 -16.85 33.27 -36.39
CA ASP C 178 -17.78 33.62 -35.33
C ASP C 178 -18.41 32.33 -34.80
N THR C 179 -18.22 32.06 -33.52
CA THR C 179 -18.58 30.77 -32.97
C THR C 179 -20.08 30.51 -33.09
N ALA C 180 -20.89 31.52 -32.80
CA ALA C 180 -22.33 31.36 -32.72
C ALA C 180 -22.96 31.41 -34.11
N SER C 181 -22.44 32.21 -35.04
CA SER C 181 -23.09 32.32 -36.32
C SER C 181 -22.52 31.35 -37.36
N GLY C 182 -21.36 30.76 -37.08
CA GLY C 182 -20.68 29.94 -38.06
C GLY C 182 -20.08 30.70 -39.22
N GLN C 183 -20.21 32.03 -39.25
CA GLN C 183 -19.69 32.80 -40.37
C GLN C 183 -18.17 32.95 -40.27
N CYS C 184 -17.51 32.78 -41.40
CA CYS C 184 -16.08 33.04 -41.46
C CYS C 184 -15.85 34.56 -41.47
N LEU C 185 -15.06 35.04 -40.52
CA LEU C 185 -14.81 36.48 -40.42
C LEU C 185 -13.52 36.90 -41.10
N LYS C 186 -12.58 35.98 -41.29
CA LYS C 186 -11.33 36.32 -41.93
C LYS C 186 -10.65 35.06 -42.42
N THR C 187 -10.14 35.10 -43.64
CA THR C 187 -9.40 34.00 -44.23
C THR C 187 -8.00 34.56 -44.45
N LEU C 188 -7.09 34.15 -43.58
CA LEU C 188 -5.72 34.61 -43.60
C LEU C 188 -4.97 33.70 -44.56
N ILE C 189 -4.59 34.23 -45.71
CA ILE C 189 -3.91 33.44 -46.72
C ILE C 189 -2.61 34.17 -47.02
N ASP C 190 -1.51 33.67 -46.44
CA ASP C 190 -0.19 34.14 -46.81
C ASP C 190 -0.01 33.97 -48.31
N ASP C 192 2.18 33.01 -50.39
CA ASP C 192 2.47 31.61 -50.63
C ASP C 192 1.86 30.77 -49.51
N ASN C 193 1.53 29.52 -49.84
CA ASN C 193 0.59 28.71 -49.08
C ASN C 193 1.15 27.38 -48.57
N PRO C 194 2.16 27.41 -47.70
CA PRO C 194 2.59 26.16 -47.07
C PRO C 194 1.50 25.65 -46.16
N PRO C 195 1.42 24.33 -45.95
CA PRO C 195 0.48 23.80 -44.95
C PRO C 195 0.63 24.50 -43.61
N VAL C 196 -0.50 24.86 -43.02
CA VAL C 196 -0.51 25.47 -41.70
C VAL C 196 -0.74 24.35 -40.70
N SER C 197 0.24 24.12 -39.84
CA SER C 197 0.25 22.93 -39.02
C SER C 197 -0.28 23.16 -37.63
N PHE C 198 -0.39 24.42 -37.21
CA PHE C 198 -0.91 24.72 -35.89
C PHE C 198 -1.31 26.19 -35.88
N VAL C 199 -2.28 26.50 -35.04
CA VAL C 199 -2.69 27.89 -34.84
C VAL C 199 -3.39 27.98 -33.49
N LYS C 200 -3.28 29.15 -32.86
CA LYS C 200 -3.94 29.43 -31.61
C LYS C 200 -3.96 30.94 -31.41
N PHE C 201 -4.96 31.41 -30.66
CA PHE C 201 -5.04 32.83 -30.31
C PHE C 201 -3.99 33.18 -29.26
N SER C 202 -3.54 34.44 -29.28
CA SER C 202 -2.77 34.97 -28.16
C SER C 202 -3.69 35.15 -26.94
N PRO C 203 -3.13 35.14 -25.74
CA PRO C 203 -3.97 35.37 -24.54
C PRO C 203 -4.87 36.60 -24.63
N ASN C 204 -4.42 37.69 -25.26
CA ASN C 204 -5.28 38.87 -25.31
C ASN C 204 -6.30 38.82 -26.45
N GLY C 205 -6.30 37.76 -27.25
CA GLY C 205 -7.29 37.59 -28.30
C GLY C 205 -7.02 38.37 -29.55
N LYS C 206 -5.93 39.14 -29.57
CA LYS C 206 -5.58 40.14 -30.58
C LYS C 206 -4.90 39.50 -31.77
N TYR C 207 -4.29 38.33 -31.54
CA TYR C 207 -3.30 37.78 -32.45
C TYR C 207 -3.57 36.29 -32.61
N ILE C 208 -3.04 35.74 -33.69
CA ILE C 208 -2.92 34.28 -33.79
C ILE C 208 -1.47 33.92 -34.07
N LEU C 209 -1.04 32.85 -33.43
CA LEU C 209 0.28 32.28 -33.62
C LEU C 209 0.14 31.04 -34.49
N ALA C 210 0.75 31.07 -35.68
CA ALA C 210 0.57 30.03 -36.68
C ALA C 210 1.90 29.41 -37.09
N ALA C 211 1.94 28.09 -37.09
CA ALA C 211 3.06 27.32 -37.59
C ALA C 211 2.77 26.88 -39.02
N THR C 212 3.73 27.07 -39.91
CA THR C 212 3.65 26.52 -41.25
C THR C 212 4.73 25.46 -41.39
N LEU C 213 4.50 24.49 -42.27
CA LEU C 213 5.45 23.40 -42.51
C LEU C 213 6.61 23.83 -43.42
N ASP C 214 7.08 25.07 -43.24
CA ASP C 214 8.32 25.56 -43.85
C ASP C 214 9.27 26.05 -42.77
N ASN C 215 9.19 25.46 -41.57
CA ASN C 215 10.05 25.81 -40.44
C ASN C 215 9.78 27.21 -39.91
N THR C 216 8.52 27.63 -39.94
CA THR C 216 8.20 29.00 -39.58
C THR C 216 7.07 29.05 -38.58
N LEU C 217 7.22 29.93 -37.60
CA LEU C 217 6.13 30.39 -36.76
C LEU C 217 5.91 31.86 -37.06
N LYS C 218 4.65 32.29 -37.11
CA LYS C 218 4.34 33.70 -37.33
C LYS C 218 3.25 34.16 -36.38
N LEU C 219 3.34 35.42 -35.98
CA LEU C 219 2.34 36.08 -35.14
C LEU C 219 1.58 37.05 -36.03
N TRP C 220 0.30 36.78 -36.26
CA TRP C 220 -0.55 37.62 -37.09
C TRP C 220 -1.51 38.46 -36.25
N ASP C 221 -1.68 39.73 -36.64
CA ASP C 221 -2.91 40.45 -36.29
C ASP C 221 -3.93 40.01 -37.31
N TYR C 222 -4.77 39.03 -36.93
CA TYR C 222 -5.61 38.36 -37.91
C TYR C 222 -6.67 39.29 -38.50
N SER C 223 -7.08 40.30 -37.75
CA SER C 223 -8.11 41.15 -38.33
C SER C 223 -7.50 42.13 -39.33
N LYS C 224 -6.31 42.66 -39.03
CA LYS C 224 -5.60 43.48 -40.02
C LYS C 224 -5.04 42.66 -41.17
N GLY C 225 -4.91 41.34 -41.00
CA GLY C 225 -4.23 40.51 -41.98
C GLY C 225 -2.74 40.71 -42.04
N LYS C 226 -2.13 41.15 -40.94
CA LYS C 226 -0.76 41.62 -40.91
C LYS C 226 0.11 40.70 -40.06
N CYS C 227 1.22 40.25 -40.62
CA CYS C 227 2.18 39.45 -39.88
C CYS C 227 3.03 40.39 -39.03
N LEU C 228 3.00 40.20 -37.71
CA LEU C 228 3.76 41.08 -36.83
C LEU C 228 5.11 40.52 -36.42
N LYS C 229 5.25 39.21 -36.29
CA LYS C 229 6.53 38.61 -35.93
C LYS C 229 6.70 37.31 -36.71
N THR C 230 7.95 36.92 -36.95
CA THR C 230 8.30 35.64 -37.54
C THR C 230 9.34 35.00 -36.63
N TYR C 231 9.20 33.69 -36.38
CA TYR C 231 10.10 32.94 -35.51
C TYR C 231 10.64 31.73 -36.27
N THR C 232 11.97 31.66 -36.43
CA THR C 232 12.58 30.58 -37.20
C THR C 232 13.78 30.04 -36.44
N GLY C 233 14.45 29.07 -37.06
CA GLY C 233 15.60 28.43 -36.47
C GLY C 233 15.36 27.00 -36.07
N HIS C 234 14.11 26.64 -35.84
CA HIS C 234 13.74 25.27 -35.53
C HIS C 234 13.46 24.51 -36.80
N LYS C 235 13.14 23.23 -36.67
CA LYS C 235 12.80 22.37 -37.80
C LYS C 235 11.35 21.96 -37.68
N ASN C 236 10.54 22.32 -38.67
CA ASN C 236 9.13 21.87 -38.67
C ASN C 236 8.63 21.78 -40.13
N GLU C 237 8.70 20.58 -40.70
CA GLU C 237 8.20 20.33 -42.05
C GLU C 237 7.28 19.12 -42.14
N LYS C 238 7.11 18.36 -41.07
CA LYS C 238 6.54 17.02 -41.14
C LYS C 238 5.46 16.74 -40.11
N TYR C 239 5.33 17.54 -39.04
CA TYR C 239 4.40 17.24 -37.96
C TYR C 239 3.66 18.50 -37.53
N CYS C 240 2.47 18.31 -36.97
CA CYS C 240 1.70 19.42 -36.43
C CYS C 240 2.17 19.61 -35.00
N ILE C 241 3.18 20.44 -34.84
CA ILE C 241 3.81 20.69 -33.55
C ILE C 241 3.05 21.83 -32.85
N PHE C 242 2.76 21.64 -31.57
CA PHE C 242 2.14 22.69 -30.76
C PHE C 242 3.11 23.83 -30.51
N ALA C 243 2.57 25.04 -30.37
CA ALA C 243 3.35 26.20 -29.94
C ALA C 243 2.58 26.96 -28.87
N ASN C 244 3.31 27.67 -28.02
CA ASN C 244 2.73 28.30 -26.85
C ASN C 244 3.19 29.73 -26.69
N PHE C 245 2.33 30.52 -26.05
CA PHE C 245 2.70 31.79 -25.46
C PHE C 245 3.09 31.53 -24.02
N SER C 246 4.36 31.75 -23.67
CA SER C 246 4.79 31.62 -22.29
C SER C 246 4.65 32.98 -21.62
N VAL C 247 3.85 33.03 -20.56
CA VAL C 247 3.41 34.31 -20.04
C VAL C 247 3.66 34.46 -18.54
N THR C 248 4.09 33.39 -17.87
CA THR C 248 4.25 33.48 -16.42
C THR C 248 5.48 34.32 -16.05
N GLY C 249 6.53 34.25 -16.85
CA GLY C 249 7.74 35.01 -16.62
C GLY C 249 8.01 35.99 -17.75
N GLY C 250 9.18 35.90 -18.36
CA GLY C 250 9.39 36.62 -19.61
C GLY C 250 8.43 36.15 -20.68
N LYS C 251 8.14 37.04 -21.63
CA LYS C 251 7.15 36.75 -22.66
C LYS C 251 7.82 35.98 -23.81
N TRP C 252 7.61 34.68 -23.86
CA TRP C 252 8.27 33.86 -24.85
C TRP C 252 7.28 33.19 -25.79
N ILE C 253 7.82 32.68 -26.89
CA ILE C 253 7.16 31.70 -27.74
C ILE C 253 7.91 30.39 -27.57
N VAL C 254 7.17 29.30 -27.42
CA VAL C 254 7.72 27.98 -27.14
C VAL C 254 7.19 27.01 -28.18
N SER C 255 8.07 26.23 -28.80
CA SER C 255 7.66 25.21 -29.75
C SER C 255 8.54 23.99 -29.61
N GLY C 256 7.99 22.83 -29.95
CA GLY C 256 8.78 21.64 -30.20
C GLY C 256 9.47 21.78 -31.54
N SER C 257 10.33 20.81 -31.86
CA SER C 257 11.06 20.92 -33.11
C SER C 257 11.44 19.52 -33.57
N GLU C 258 11.58 19.37 -34.88
CA GLU C 258 11.89 18.06 -35.40
C GLU C 258 13.36 17.69 -35.24
N ASP C 259 14.18 18.56 -34.62
CA ASP C 259 15.53 18.19 -34.23
C ASP C 259 15.60 17.79 -32.77
N ASN C 260 14.46 17.45 -32.18
CA ASN C 260 14.33 16.86 -30.85
C ASN C 260 14.55 17.86 -29.74
N LEU C 261 14.50 19.16 -30.04
CA LEU C 261 14.72 20.21 -29.05
C LEU C 261 13.45 20.98 -28.80
N VAL C 262 13.40 21.65 -27.65
CA VAL C 262 12.40 22.66 -27.39
C VAL C 262 13.03 24.02 -27.69
N TYR C 263 12.39 24.79 -28.56
CA TYR C 263 12.87 26.11 -28.90
C TYR C 263 12.08 27.15 -28.13
N ILE C 264 12.78 28.13 -27.59
CA ILE C 264 12.15 29.25 -26.90
C ILE C 264 12.65 30.53 -27.54
N TRP C 265 11.72 31.39 -27.94
CA TRP C 265 12.03 32.68 -28.54
C TRP C 265 11.53 33.80 -27.64
N ASN C 266 12.22 34.94 -27.73
CA ASN C 266 11.68 36.18 -27.18
C ASN C 266 10.57 36.68 -28.11
N LEU C 267 9.37 36.89 -27.56
CA LEU C 267 8.23 37.26 -28.39
C LEU C 267 8.49 38.53 -29.20
N GLN C 268 9.04 39.56 -28.55
CA GLN C 268 9.21 40.85 -29.23
C GLN C 268 10.35 40.80 -30.23
N THR C 269 11.53 40.36 -29.79
CA THR C 269 12.72 40.46 -30.63
C THR C 269 12.84 39.34 -31.64
N LYS C 270 12.18 38.21 -31.40
CA LYS C 270 12.15 37.02 -32.28
C LYS C 270 13.44 36.22 -32.17
N GLU C 271 14.29 36.54 -31.22
CA GLU C 271 15.56 35.84 -31.04
C GLU C 271 15.33 34.55 -30.26
N ILE C 272 16.04 33.50 -30.64
CA ILE C 272 16.03 32.29 -29.81
C ILE C 272 16.73 32.58 -28.50
N VAL C 273 16.06 32.29 -27.39
CA VAL C 273 16.62 32.55 -26.08
C VAL C 273 17.05 31.28 -25.37
N GLN C 274 16.51 30.12 -25.77
CA GLN C 274 16.94 28.84 -25.21
C GLN C 274 16.56 27.72 -26.16
N LYS C 275 17.37 26.67 -26.13
CA LYS C 275 17.10 25.40 -26.80
C LYS C 275 17.21 24.30 -25.77
N LEU C 276 16.12 23.59 -25.51
CA LEU C 276 16.13 22.58 -24.46
C LEU C 276 16.48 21.23 -25.06
N GLN C 277 17.56 20.64 -24.57
CA GLN C 277 18.06 19.37 -25.07
C GLN C 277 17.71 18.26 -24.09
N GLY C 278 17.37 17.09 -24.62
CA GLY C 278 17.14 15.95 -23.76
C GLY C 278 16.35 14.89 -24.49
N HIS C 279 15.32 15.32 -25.21
CA HIS C 279 14.51 14.36 -25.96
C HIS C 279 15.34 13.69 -27.03
N THR C 280 14.87 12.50 -27.45
CA THR C 280 15.54 11.70 -28.46
C THR C 280 14.62 11.42 -29.64
N ASP C 281 13.64 12.27 -29.86
CA ASP C 281 12.83 12.25 -31.06
C ASP C 281 12.14 13.61 -31.17
N VAL C 282 11.39 13.79 -32.26
CA VAL C 282 10.66 15.03 -32.51
C VAL C 282 9.88 15.41 -31.26
N VAL C 283 10.04 16.65 -30.81
CA VAL C 283 9.20 17.18 -29.76
C VAL C 283 7.90 17.66 -30.41
N ILE C 284 6.87 16.85 -30.27
CA ILE C 284 5.59 17.12 -30.93
C ILE C 284 4.77 18.14 -30.16
N SER C 285 5.00 18.27 -28.85
CA SER C 285 4.06 19.02 -28.04
C SER C 285 4.79 19.66 -26.88
N THR C 286 4.42 20.90 -26.58
CA THR C 286 4.90 21.63 -25.43
C THR C 286 3.72 22.25 -24.74
N ALA C 287 3.82 22.43 -23.42
CA ALA C 287 2.78 23.12 -22.66
C ALA C 287 3.42 24.00 -21.60
N CYS C 288 2.77 25.11 -21.32
CA CYS C 288 3.24 26.06 -20.32
C CYS C 288 2.28 26.05 -19.14
N HIS C 289 2.84 25.91 -17.96
CA HIS C 289 2.07 25.87 -16.73
C HIS C 289 1.38 27.23 -16.53
N PRO C 290 0.17 27.25 -15.94
CA PRO C 290 -0.54 28.53 -15.84
C PRO C 290 0.07 29.52 -14.85
N THR C 291 0.85 29.08 -13.85
CA THR C 291 1.33 30.03 -12.85
C THR C 291 2.84 29.94 -12.62
N GLU C 292 3.43 28.78 -12.85
CA GLU C 292 4.86 28.60 -12.68
C GLU C 292 5.58 28.62 -14.03
N ASN C 293 6.85 29.05 -14.01
CA ASN C 293 7.69 28.96 -15.19
C ASN C 293 8.06 27.49 -15.35
N ILE C 294 7.11 26.73 -15.89
CA ILE C 294 7.28 25.30 -16.11
C ILE C 294 6.81 24.98 -17.53
N ILE C 295 7.64 24.24 -18.27
CA ILE C 295 7.27 23.75 -19.59
C ILE C 295 7.20 22.24 -19.52
N ALA C 296 6.16 21.67 -20.11
CA ALA C 296 6.12 20.24 -20.39
C ALA C 296 6.39 20.04 -21.87
N SER C 297 7.15 19.01 -22.20
CA SER C 297 7.40 18.68 -23.59
C SER C 297 7.20 17.19 -23.78
N ALA C 298 6.86 16.79 -24.99
CA ALA C 298 6.64 15.37 -25.27
C ALA C 298 7.12 15.06 -26.67
N ALA C 299 7.49 13.79 -26.89
CA ALA C 299 8.25 13.41 -28.06
C ALA C 299 7.68 12.14 -28.68
N LEU C 300 8.10 11.87 -29.90
CA LEU C 300 7.46 10.79 -30.65
C LEU C 300 8.04 9.42 -30.33
N GLU C 301 7.96 8.48 -31.27
CA GLU C 301 8.02 7.07 -30.91
C GLU C 301 9.39 6.60 -30.47
N ASN C 302 10.47 7.25 -30.89
CA ASN C 302 11.77 6.80 -30.42
C ASN C 302 12.11 7.31 -29.02
N ASP C 303 11.15 7.97 -28.37
CA ASP C 303 11.35 8.66 -27.10
C ASP C 303 10.20 8.29 -26.16
N LYS C 304 8.99 8.75 -26.46
CA LYS C 304 7.76 8.35 -25.76
C LYS C 304 7.70 8.84 -24.33
N THR C 305 8.55 9.79 -23.94
CA THR C 305 8.50 10.33 -22.60
C THR C 305 8.06 11.78 -22.63
N ILE C 306 7.69 12.27 -21.45
CA ILE C 306 7.34 13.67 -21.22
C ILE C 306 8.40 14.23 -20.27
N LYS C 307 8.82 15.45 -20.52
CA LYS C 307 9.82 16.09 -19.68
C LYS C 307 9.25 17.37 -19.10
N LEU C 308 9.55 17.61 -17.83
CA LEU C 308 9.13 18.82 -17.14
C LEU C 308 10.38 19.68 -16.90
N TRP C 309 10.29 20.94 -17.31
CA TRP C 309 11.37 21.91 -17.22
C TRP C 309 10.93 23.06 -16.33
N LYS C 310 11.88 23.63 -15.59
CA LYS C 310 11.57 24.77 -14.76
C LYS C 310 12.61 25.87 -14.97
N SER C 311 12.14 27.11 -14.98
CA SER C 311 12.96 28.29 -15.19
C SER C 311 12.70 29.32 -14.10
N ASP C 312 13.75 30.06 -13.75
CA ASP C 312 13.62 31.13 -12.75
C ASP C 312 12.82 32.30 -13.29
N CYS C 313 12.81 32.49 -14.61
CA CYS C 313 12.16 33.66 -15.19
C CYS C 313 11.44 33.31 -16.48
N MET D 2 16.33 -20.85 -11.34
CA MET D 2 17.78 -20.88 -11.50
C MET D 2 18.53 -20.32 -10.31
N ARG D 3 17.88 -19.46 -9.54
CA ARG D 3 18.53 -18.95 -8.33
C ARG D 3 18.93 -20.09 -7.40
N THR D 4 18.22 -21.21 -7.48
CA THR D 4 18.48 -22.34 -6.60
C THR D 4 19.62 -23.22 -7.08
N GLU D 5 20.20 -22.85 -8.20
CA GLU D 5 21.31 -23.60 -8.71
C GLU D 5 22.70 -22.90 -8.55
N PRO D 6 23.69 -23.73 -8.20
CA PRO D 6 24.99 -23.14 -7.95
C PRO D 6 25.64 -22.46 -9.22
N MET E 2 -9.21 -22.04 24.16
CA MET E 2 -8.27 -22.60 25.14
C MET E 2 -8.64 -22.38 26.59
N ARG E 3 -9.29 -21.25 26.91
CA ARG E 3 -9.79 -21.05 28.27
C ARG E 3 -10.68 -22.21 28.74
N THR E 4 -11.37 -22.88 27.82
CA THR E 4 -12.31 -23.95 28.21
C THR E 4 -11.62 -25.29 28.46
N GLU E 5 -10.32 -25.36 28.30
CA GLU E 5 -9.57 -26.58 28.48
C GLU E 5 -8.68 -26.50 29.72
N PRO E 6 -8.62 -27.60 30.49
CA PRO E 6 -7.83 -27.64 31.72
C PRO E 6 -6.33 -27.64 31.44
N MET F 2 -2.75 10.08 -35.21
CA MET F 2 -2.31 10.57 -36.51
C MET F 2 -1.32 11.72 -36.40
N ARG F 3 -1.47 12.58 -35.37
CA ARG F 3 -0.49 13.65 -35.17
C ARG F 3 0.93 13.11 -35.02
N THR F 4 1.09 11.87 -34.58
CA THR F 4 2.41 11.20 -34.32
C THR F 4 3.06 10.64 -35.56
N GLU F 5 2.36 10.78 -36.67
CA GLU F 5 2.87 10.30 -37.92
C GLU F 5 3.27 11.45 -38.84
N PRO F 6 4.36 11.25 -39.54
CA PRO F 6 4.90 12.33 -40.36
C PRO F 6 4.08 12.66 -41.66
#